data_3BBC
#
_entry.id   3BBC
#
_cell.length_a   71.756
_cell.length_b   104.616
_cell.length_c   118.089
_cell.angle_alpha   90.00
_cell.angle_beta   90.00
_cell.angle_gamma   90.00
#
_symmetry.space_group_name_H-M   'P 21 21 21'
#
loop_
_entity.id
_entity.type
_entity.pdbx_description
1 polymer 'Nucleoside diphosphate kinase B'
2 water water
#
_entity_poly.entity_id   1
_entity_poly.type   'polypeptide(L)'
_entity_poly.pdbx_seq_one_letter_code
;ANLERTFIAIKPDGVQRGLVGEIIKRFEQKGFRLVAMKFLRASEEHLKQHYIDLKDRPFFPGLVKYMNSGPVVAMVWEGL
NVVKTGAVMLGETNPADSKPGTIRGDFCIQVGRNIIHGSDSVKSAEKEISLWFKPEELVDYKSCAHDWVYE
;
_entity_poly.pdbx_strand_id   A,B,C,D,E,F
#
# COMPACT_ATOMS: atom_id res chain seq x y z
N ALA A 1 20.17 22.23 7.23
CA ALA A 1 20.86 22.77 6.02
C ALA A 1 20.11 22.67 4.67
N ASN A 2 18.95 23.31 4.57
CA ASN A 2 17.68 22.60 4.47
C ASN A 2 17.48 22.87 2.93
N LEU A 3 18.33 23.70 2.31
CA LEU A 3 18.25 23.97 0.86
C LEU A 3 19.07 23.05 -0.05
N GLU A 4 19.76 22.06 0.52
CA GLU A 4 20.50 21.10 -0.26
C GLU A 4 19.60 20.43 -1.30
N ARG A 5 20.15 20.13 -2.46
CA ARG A 5 19.46 19.49 -3.59
C ARG A 5 20.25 18.27 -4.06
N THR A 6 19.52 17.25 -4.50
CA THR A 6 20.12 16.11 -5.15
C THR A 6 19.46 15.86 -6.47
N PHE A 7 20.17 15.19 -7.36
CA PHE A 7 19.66 14.74 -8.66
C PHE A 7 19.34 13.21 -8.55
N ILE A 8 18.09 12.88 -8.83
CA ILE A 8 17.62 11.49 -8.86
C ILE A 8 17.11 11.17 -10.27
N ALA A 9 17.61 10.11 -10.92
CA ALA A 9 17.07 9.65 -12.17
C ALA A 9 16.55 8.24 -12.05
N ILE A 10 15.31 8.02 -12.50
CA ILE A 10 14.77 6.69 -12.62
C ILE A 10 15.26 6.17 -13.95
N LYS A 11 16.09 5.12 -13.89
CA LYS A 11 16.69 4.52 -15.09
C LYS A 11 15.68 3.83 -16.04
N PRO A 12 16.07 3.50 -17.28
CA PRO A 12 15.08 2.96 -18.21
C PRO A 12 14.35 1.72 -17.73
N ASP A 13 15.02 0.87 -16.95
CA ASP A 13 14.40 -0.33 -16.38
C ASP A 13 13.36 0.01 -15.31
N GLY A 14 13.62 1.08 -14.57
CA GLY A 14 12.75 1.56 -13.48
C GLY A 14 11.42 2.04 -14.13
N VAL A 15 11.55 2.79 -15.23
CA VAL A 15 10.38 3.14 -16.05
C VAL A 15 9.64 1.97 -16.72
N GLN A 16 10.38 1.07 -17.35
CA GLN A 16 9.78 -0.11 -17.95
C GLN A 16 9.04 -1.01 -17.02
N ARG A 17 9.56 -1.11 -15.81
CA ARG A 17 9.00 -2.02 -14.80
C ARG A 17 7.91 -1.39 -13.93
N GLY A 18 7.55 -0.13 -14.23
CA GLY A 18 6.37 0.49 -13.61
C GLY A 18 6.58 1.01 -12.22
N LEU A 19 7.79 1.48 -11.94
CA LEU A 19 8.16 1.92 -10.61
C LEU A 19 8.22 3.41 -10.43
N VAL A 20 7.73 4.17 -11.41
CA VAL A 20 7.88 5.64 -11.26
C VAL A 20 7.05 6.13 -10.04
N GLY A 21 5.79 5.73 -9.91
CA GLY A 21 4.96 6.24 -8.82
C GLY A 21 5.51 5.83 -7.46
N GLU A 22 5.84 4.55 -7.31
CA GLU A 22 6.40 4.05 -6.08
C GLU A 22 7.58 4.86 -5.62
N ILE A 23 8.47 5.15 -6.57
CA ILE A 23 9.72 5.85 -6.30
C ILE A 23 9.48 7.27 -5.79
N ILE A 24 8.68 8.01 -6.51
CA ILE A 24 8.30 9.37 -6.16
C ILE A 24 7.64 9.41 -4.83
N LYS A 25 6.71 8.48 -4.59
CA LYS A 25 6.06 8.37 -3.27
C LYS A 25 7.02 8.28 -2.10
N ARG A 26 8.10 7.52 -2.21
CA ARG A 26 9.07 7.39 -1.15
C ARG A 26 9.74 8.73 -0.86
N PHE A 27 10.05 9.50 -1.88
CA PHE A 27 10.65 10.86 -1.66
C PHE A 27 9.60 11.81 -1.04
N GLU A 28 8.40 11.83 -1.58
CA GLU A 28 7.36 12.69 -1.01
C GLU A 28 7.11 12.40 0.44
N GLN A 29 6.87 11.12 0.77
CA GLN A 29 6.52 10.73 2.13
C GLN A 29 7.63 11.01 3.15
N LYS A 30 8.86 11.05 2.72
CA LYS A 30 10.00 11.35 3.58
C LYS A 30 10.01 12.82 3.99
N GLY A 31 9.37 13.66 3.19
CA GLY A 31 9.37 15.11 3.44
C GLY A 31 10.24 15.94 2.53
N PHE A 32 10.88 15.34 1.54
CA PHE A 32 11.66 16.11 0.62
C PHE A 32 10.76 16.86 -0.35
N ARG A 33 11.26 17.95 -0.92
CA ARG A 33 10.50 18.78 -1.84
C ARG A 33 10.92 18.55 -3.28
N LEU A 34 9.99 18.26 -4.18
CA LEU A 34 10.28 18.11 -5.56
C LEU A 34 10.49 19.50 -6.17
N VAL A 35 11.64 19.64 -6.80
CA VAL A 35 12.06 20.91 -7.37
C VAL A 35 11.91 20.93 -8.88
N ALA A 36 12.20 19.84 -9.57
CA ALA A 36 12.14 19.77 -11.02
C ALA A 36 11.94 18.29 -11.42
N MET A 37 11.35 18.08 -12.58
CA MET A 37 11.12 16.76 -13.09
C MET A 37 10.83 16.81 -14.55
N LYS A 38 11.44 15.90 -15.30
CA LYS A 38 11.04 15.66 -16.67
C LYS A 38 11.31 14.23 -17.07
N PHE A 39 10.73 13.85 -18.19
CA PHE A 39 10.76 12.52 -18.73
C PHE A 39 11.35 12.65 -20.12
N LEU A 40 12.42 11.92 -20.39
CA LEU A 40 13.10 11.99 -21.67
C LEU A 40 13.94 10.76 -21.99
N ARG A 41 14.20 10.54 -23.29
CA ARG A 41 15.27 9.66 -23.74
C ARG A 41 16.54 10.53 -23.84
N ALA A 42 17.46 10.34 -22.93
CA ALA A 42 18.70 11.15 -22.85
C ALA A 42 19.57 10.74 -24.04
N SER A 43 20.16 11.71 -24.74
CA SER A 43 20.94 11.38 -25.92
C SER A 43 22.23 10.71 -25.48
N GLU A 44 22.83 9.95 -26.39
CA GLU A 44 24.15 9.37 -26.15
C GLU A 44 25.16 10.47 -25.79
N GLU A 45 25.08 11.60 -26.45
CA GLU A 45 26.02 12.70 -26.17
C GLU A 45 25.83 13.21 -24.75
N HIS A 46 24.57 13.44 -24.36
CA HIS A 46 24.20 13.90 -23.00
C HIS A 46 24.72 12.93 -21.91
N LEU A 47 24.50 11.65 -22.15
CA LEU A 47 24.93 10.59 -21.25
C LEU A 47 26.47 10.47 -21.17
N LYS A 48 27.14 10.72 -22.28
CA LYS A 48 28.63 10.78 -22.22
C LYS A 48 29.12 11.93 -21.33
N GLN A 49 28.45 13.07 -21.36
CA GLN A 49 28.78 14.14 -20.42
C GLN A 49 28.46 13.76 -18.98
N HIS A 50 27.31 13.12 -18.78
CA HIS A 50 26.90 12.74 -17.42
C HIS A 50 27.99 11.80 -16.84
N TYR A 51 28.43 10.83 -17.65
CA TYR A 51 29.43 9.81 -17.20
C TYR A 51 30.86 10.15 -17.64
N ILE A 52 31.14 11.42 -17.79
CA ILE A 52 32.43 11.84 -18.35
C ILE A 52 33.63 11.34 -17.53
N ASP A 53 33.53 11.33 -16.21
CA ASP A 53 34.62 10.79 -15.39
C ASP A 53 34.97 9.34 -15.68
N LEU A 54 34.09 8.62 -16.40
CA LEU A 54 34.26 7.19 -16.66
C LEU A 54 34.51 6.90 -18.15
N LYS A 55 34.70 7.96 -18.95
CA LYS A 55 34.83 7.77 -20.42
C LYS A 55 35.96 6.84 -20.85
N ASP A 56 36.99 6.72 -20.02
CA ASP A 56 38.10 5.82 -20.35
C ASP A 56 37.95 4.42 -19.78
N ARG A 57 36.79 4.08 -19.20
CA ARG A 57 36.60 2.77 -18.59
C ARG A 57 35.97 1.79 -19.57
N PRO A 58 36.30 0.50 -19.45
CA PRO A 58 35.78 -0.45 -20.41
C PRO A 58 34.28 -0.61 -20.46
N PHE A 59 33.64 -0.36 -19.32
CA PHE A 59 32.19 -0.54 -19.18
C PHE A 59 31.41 0.72 -19.64
N PHE A 60 32.13 1.77 -20.03
CA PHE A 60 31.51 2.98 -20.54
C PHE A 60 30.49 2.78 -21.69
N PRO A 61 30.87 2.11 -22.81
CA PRO A 61 29.92 1.89 -23.89
C PRO A 61 28.61 1.27 -23.41
N GLY A 62 28.74 0.22 -22.62
CA GLY A 62 27.56 -0.53 -22.15
C GLY A 62 26.71 0.32 -21.19
N LEU A 63 27.36 1.18 -20.43
CA LEU A 63 26.71 2.11 -19.50
C LEU A 63 25.84 3.13 -20.22
N VAL A 64 26.41 3.74 -21.27
CA VAL A 64 25.66 4.69 -22.09
C VAL A 64 24.55 3.99 -22.86
N LYS A 65 24.84 2.79 -23.39
CA LYS A 65 23.81 1.97 -24.09
C LYS A 65 22.61 1.72 -23.15
N TYR A 66 22.88 1.25 -21.94
CA TYR A 66 21.81 1.02 -20.96
C TYR A 66 21.00 2.30 -20.69
N MET A 67 21.68 3.38 -20.38
CA MET A 67 21.01 4.61 -19.99
C MET A 67 20.26 5.29 -21.13
N ASN A 68 20.59 4.91 -22.35
CA ASN A 68 19.88 5.40 -23.56
C ASN A 68 18.78 4.45 -24.08
N SER A 69 18.60 3.28 -23.45
CA SER A 69 17.80 2.18 -24.00
C SER A 69 16.29 2.44 -23.84
N GLY A 70 15.95 3.43 -23.06
CA GLY A 70 14.58 3.89 -22.95
C GLY A 70 14.56 5.25 -22.24
N PRO A 71 13.38 5.86 -22.12
CA PRO A 71 13.30 7.10 -21.32
C PRO A 71 13.62 6.94 -19.84
N VAL A 72 14.10 8.02 -19.24
CA VAL A 72 14.35 8.13 -17.80
C VAL A 72 13.45 9.24 -17.26
N VAL A 73 13.21 9.19 -15.94
CA VAL A 73 12.59 10.31 -15.24
C VAL A 73 13.69 11.00 -14.42
N ALA A 74 13.99 12.24 -14.77
CA ALA A 74 15.03 13.05 -14.15
C ALA A 74 14.38 14.00 -13.16
N MET A 75 14.95 14.07 -11.97
CA MET A 75 14.35 14.81 -10.90
C MET A 75 15.40 15.53 -10.10
N VAL A 76 14.96 16.66 -9.52
CA VAL A 76 15.66 17.35 -8.48
C VAL A 76 14.85 17.40 -7.23
N TRP A 77 15.46 16.95 -6.11
CA TRP A 77 14.81 16.90 -4.80
C TRP A 77 15.59 17.76 -3.81
N GLU A 78 14.87 18.47 -2.96
CA GLU A 78 15.45 19.35 -1.95
C GLU A 78 15.17 18.92 -0.50
N GLY A 79 16.17 19.09 0.35
CA GLY A 79 15.98 18.97 1.76
C GLY A 79 17.28 18.78 2.49
N LEU A 80 17.20 18.92 3.80
CA LEU A 80 18.35 18.67 4.70
C LEU A 80 19.00 17.30 4.43
N ASN A 81 20.31 17.32 4.14
CA ASN A 81 21.06 16.11 3.79
C ASN A 81 20.45 15.22 2.73
N VAL A 82 19.79 15.84 1.77
CA VAL A 82 19.06 15.04 0.78
C VAL A 82 20.00 14.18 -0.02
N VAL A 83 21.21 14.66 -0.31
CA VAL A 83 22.15 13.82 -1.02
C VAL A 83 22.46 12.49 -0.29
N LYS A 84 22.93 12.57 0.95
CA LYS A 84 23.34 11.40 1.70
C LYS A 84 22.13 10.52 2.06
N THR A 85 21.08 11.13 2.58
CA THR A 85 19.85 10.42 2.92
C THR A 85 19.16 9.82 1.70
N GLY A 86 19.10 10.58 0.63
CA GLY A 86 18.58 10.05 -0.63
C GLY A 86 19.35 8.83 -1.08
N ALA A 87 20.68 8.86 -0.93
CA ALA A 87 21.47 7.70 -1.33
C ALA A 87 21.12 6.47 -0.49
N VAL A 88 21.01 6.65 0.82
CA VAL A 88 20.61 5.60 1.81
C VAL A 88 19.25 5.04 1.41
N MET A 89 18.33 5.91 1.03
N MET A 89 18.33 5.91 1.00
CA MET A 89 17.01 5.49 0.60
CA MET A 89 16.97 5.49 0.57
C MET A 89 17.08 4.59 -0.61
C MET A 89 16.99 4.65 -0.68
N LEU A 90 17.92 4.96 -1.57
CA LEU A 90 18.11 4.15 -2.79
C LEU A 90 18.71 2.76 -2.51
N GLY A 91 19.65 2.75 -1.56
CA GLY A 91 20.30 1.50 -1.16
C GLY A 91 21.76 1.56 -1.56
N GLU A 92 22.38 0.41 -1.75
CA GLU A 92 23.73 0.38 -2.35
C GLU A 92 23.62 0.25 -3.87
N THR A 93 24.73 0.49 -4.57
CA THR A 93 24.74 0.38 -6.00
C THR A 93 24.34 -0.99 -6.47
N ASN A 94 24.88 -2.01 -5.82
CA ASN A 94 24.49 -3.38 -6.12
C ASN A 94 23.21 -3.69 -5.34
N PRO A 95 22.10 -4.00 -6.05
CA PRO A 95 20.87 -4.32 -5.35
C PRO A 95 21.00 -5.48 -4.36
N ALA A 96 21.84 -6.46 -4.68
CA ALA A 96 22.10 -7.58 -3.77
C ALA A 96 22.65 -7.20 -2.41
N ASP A 97 23.35 -6.05 -2.32
CA ASP A 97 23.82 -5.50 -1.05
C ASP A 97 22.89 -4.44 -0.46
N SER A 98 21.79 -4.15 -1.12
CA SER A 98 20.80 -3.16 -0.67
C SER A 98 19.81 -3.82 0.23
N LYS A 99 19.56 -3.19 1.35
CA LYS A 99 18.72 -3.79 2.37
C LYS A 99 17.25 -3.71 2.02
N PRO A 100 16.44 -4.71 2.50
CA PRO A 100 14.99 -4.55 2.36
C PRO A 100 14.56 -3.22 2.97
N GLY A 101 13.61 -2.57 2.30
CA GLY A 101 13.13 -1.23 2.64
C GLY A 101 13.75 -0.10 1.86
N THR A 102 14.89 -0.36 1.19
CA THR A 102 15.49 0.59 0.28
C THR A 102 14.82 0.38 -1.10
N ILE A 103 14.92 1.38 -1.98
CA ILE A 103 14.36 1.26 -3.31
C ILE A 103 14.99 0.10 -4.10
N ARG A 104 16.33 0.01 -4.12
CA ARG A 104 16.99 -1.03 -4.91
C ARG A 104 16.75 -2.39 -4.25
N GLY A 105 16.75 -2.37 -2.92
CA GLY A 105 16.53 -3.61 -2.10
C GLY A 105 15.18 -4.19 -2.38
N ASP A 106 14.18 -3.34 -2.51
CA ASP A 106 12.83 -3.80 -2.65
C ASP A 106 12.50 -4.19 -4.05
N PHE A 107 13.12 -3.53 -5.03
CA PHE A 107 12.60 -3.55 -6.39
C PHE A 107 13.50 -4.03 -7.53
N CYS A 108 14.77 -4.38 -7.29
CA CYS A 108 15.59 -4.89 -8.43
C CYS A 108 16.65 -5.83 -7.90
N ILE A 109 17.40 -6.41 -8.83
CA ILE A 109 18.24 -7.56 -8.56
C ILE A 109 19.71 -7.39 -8.95
N GLN A 110 19.95 -6.87 -10.14
CA GLN A 110 21.27 -6.91 -10.74
C GLN A 110 21.82 -5.52 -10.86
N VAL A 111 23.12 -5.38 -10.59
CA VAL A 111 23.77 -4.06 -10.64
C VAL A 111 23.63 -3.28 -11.97
N GLY A 112 23.64 -3.97 -13.11
CA GLY A 112 23.48 -3.36 -14.42
C GLY A 112 22.04 -3.08 -14.85
N ARG A 113 21.13 -3.47 -13.95
CA ARG A 113 19.72 -3.14 -14.06
C ARG A 113 19.23 -2.70 -12.66
N ASN A 114 19.75 -1.58 -12.19
CA ASN A 114 19.59 -1.16 -10.79
C ASN A 114 18.68 0.07 -10.59
N ILE A 115 17.76 0.20 -11.53
CA ILE A 115 16.58 1.10 -11.58
C ILE A 115 16.69 2.58 -11.33
N ILE A 116 17.69 3.04 -10.60
CA ILE A 116 17.71 4.42 -10.11
C ILE A 116 19.13 4.89 -9.89
N HIS A 117 19.36 6.17 -10.14
CA HIS A 117 20.63 6.87 -9.83
C HIS A 117 20.34 7.99 -8.84
N GLY A 118 21.24 8.20 -7.88
CA GLY A 118 21.21 9.41 -7.06
C GLY A 118 22.62 9.95 -6.96
N SER A 119 22.75 11.26 -6.86
CA SER A 119 24.08 11.86 -6.77
C SER A 119 24.84 11.31 -5.60
N ASP A 120 26.15 11.14 -5.79
CA ASP A 120 26.97 10.58 -4.72
C ASP A 120 27.59 11.60 -3.76
N SER A 121 27.46 12.88 -4.09
CA SER A 121 27.97 13.92 -3.27
C SER A 121 27.27 15.20 -3.71
N VAL A 122 27.44 16.23 -2.90
CA VAL A 122 26.95 17.56 -3.21
C VAL A 122 27.62 18.05 -4.49
N LYS A 123 28.95 17.91 -4.57
CA LYS A 123 29.65 18.23 -5.79
C LYS A 123 29.03 17.58 -7.04
N SER A 124 28.75 16.27 -6.98
CA SER A 124 28.17 15.61 -8.15
C SER A 124 26.72 16.06 -8.40
N ALA A 125 25.99 16.33 -7.34
CA ALA A 125 24.60 16.83 -7.45
C ALA A 125 24.56 18.16 -8.16
N GLU A 126 25.41 19.09 -7.76
CA GLU A 126 25.41 20.39 -8.44
C GLU A 126 25.78 20.23 -9.93
N LYS A 127 26.75 19.37 -10.24
CA LYS A 127 27.10 19.08 -11.60
C LYS A 127 25.95 18.48 -12.39
N GLU A 128 25.31 17.44 -11.82
CA GLU A 128 24.27 16.72 -12.52
C GLU A 128 23.01 17.59 -12.72
N ILE A 129 22.66 18.37 -11.71
CA ILE A 129 21.47 19.27 -11.78
C ILE A 129 21.64 20.22 -12.98
N SER A 130 22.79 20.89 -13.04
CA SER A 130 23.11 21.77 -14.22
C SER A 130 23.10 21.11 -15.57
N LEU A 131 23.60 19.89 -15.62
CA LEU A 131 23.63 19.16 -16.82
C LEU A 131 22.24 18.85 -17.33
N TRP A 132 21.42 18.29 -16.46
CA TRP A 132 20.08 17.86 -16.86
C TRP A 132 18.98 18.92 -16.84
N PHE A 133 19.17 20.04 -16.13
CA PHE A 133 18.10 21.06 -15.96
C PHE A 133 18.65 22.45 -16.15
N LYS A 134 17.90 23.32 -16.81
CA LYS A 134 18.22 24.76 -16.83
C LYS A 134 17.68 25.33 -15.54
N PRO A 135 18.31 26.39 -15.00
CA PRO A 135 17.79 27.00 -13.82
C PRO A 135 16.28 27.35 -13.86
N GLU A 136 15.76 27.67 -15.03
CA GLU A 136 14.38 28.14 -15.10
C GLU A 136 13.41 26.97 -14.99
N GLU A 137 13.95 25.76 -15.02
CA GLU A 137 13.13 24.55 -14.82
C GLU A 137 13.04 24.15 -13.35
N LEU A 138 13.74 24.85 -12.46
CA LEU A 138 13.73 24.48 -11.05
C LEU A 138 12.73 25.38 -10.36
N VAL A 139 11.70 24.78 -9.79
CA VAL A 139 10.59 25.55 -9.24
C VAL A 139 10.79 25.87 -7.80
N ASP A 140 10.56 27.12 -7.43
CA ASP A 140 10.68 27.55 -6.06
C ASP A 140 9.27 27.68 -5.49
N TYR A 141 8.95 26.92 -4.46
CA TYR A 141 7.68 27.01 -3.74
C TYR A 141 7.92 26.43 -2.34
N LYS A 142 7.01 26.71 -1.41
CA LYS A 142 7.13 26.26 -0.02
C LYS A 142 6.09 25.19 0.28
N SER A 143 6.56 24.02 0.71
N SER A 143 6.54 24.01 0.72
CA SER A 143 5.69 22.92 1.13
CA SER A 143 5.62 22.94 1.13
C SER A 143 4.75 23.33 2.28
C SER A 143 4.72 23.39 2.26
N CYS A 144 3.44 23.06 2.18
CA CYS A 144 2.50 23.42 3.26
C CYS A 144 2.85 22.72 4.59
N ALA A 145 3.59 21.62 4.48
CA ALA A 145 4.06 20.84 5.65
C ALA A 145 5.45 21.23 6.16
N HIS A 146 6.05 22.26 5.51
CA HIS A 146 7.43 22.64 5.81
C HIS A 146 7.68 22.79 7.29
N ASP A 147 6.81 23.53 7.96
CA ASP A 147 7.02 23.86 9.39
C ASP A 147 6.82 22.68 10.33
N TRP A 148 6.30 21.56 9.78
CA TRP A 148 6.17 20.31 10.52
C TRP A 148 7.28 19.31 10.16
N VAL A 149 8.01 19.57 9.09
CA VAL A 149 9.20 18.78 8.73
C VAL A 149 10.46 19.41 9.32
N TYR A 150 10.46 20.75 9.41
CA TYR A 150 11.61 21.51 9.87
C TYR A 150 11.30 22.39 11.08
N GLU A 151 12.26 22.41 11.99
CA GLU A 151 12.32 23.41 13.08
C GLU A 151 12.64 24.79 12.57
N ALA B 1 23.87 -17.88 -14.20
CA ALA B 1 23.71 -17.64 -12.73
C ALA B 1 22.28 -17.20 -12.39
N ASN B 2 21.59 -16.67 -13.42
CA ASN B 2 20.26 -16.07 -13.29
C ASN B 2 19.18 -17.15 -13.25
N LEU B 3 19.57 -18.42 -13.21
CA LEU B 3 18.60 -19.52 -13.20
C LEU B 3 18.58 -20.27 -11.87
N GLU B 4 19.23 -19.69 -10.84
CA GLU B 4 19.20 -20.28 -9.49
C GLU B 4 17.75 -20.30 -8.96
N ARG B 5 17.43 -21.33 -8.19
CA ARG B 5 16.11 -21.46 -7.57
C ARG B 5 16.19 -21.54 -6.06
N THR B 6 15.14 -21.06 -5.39
CA THR B 6 15.00 -21.27 -3.96
C THR B 6 13.58 -21.73 -3.60
N PHE B 7 13.51 -22.42 -2.49
CA PHE B 7 12.25 -22.88 -1.90
C PHE B 7 11.83 -21.91 -0.79
N ILE B 8 10.63 -21.36 -0.94
CA ILE B 8 10.06 -20.49 0.09
C ILE B 8 8.69 -21.09 0.47
N ALA B 9 8.44 -21.20 1.77
CA ALA B 9 7.18 -21.71 2.29
C ALA B 9 6.63 -20.69 3.28
N ILE B 10 5.41 -20.29 3.04
CA ILE B 10 4.66 -19.51 4.03
C ILE B 10 4.10 -20.55 5.06
N LYS B 11 4.48 -20.39 6.32
CA LYS B 11 4.16 -21.32 7.40
C LYS B 11 2.72 -21.12 7.84
N PRO B 12 2.19 -22.06 8.65
CA PRO B 12 0.75 -21.94 8.92
C PRO B 12 0.29 -20.62 9.57
N ASP B 13 1.18 -19.99 10.32
CA ASP B 13 0.89 -18.68 10.93
C ASP B 13 0.82 -17.55 9.88
N GLY B 14 1.62 -17.66 8.86
CA GLY B 14 1.53 -16.66 7.76
C GLY B 14 0.23 -16.74 6.96
N VAL B 15 -0.28 -17.95 6.75
CA VAL B 15 -1.56 -18.14 6.09
C VAL B 15 -2.66 -17.66 7.02
N GLN B 16 -2.63 -18.10 8.28
CA GLN B 16 -3.67 -17.68 9.26
C GLN B 16 -3.80 -16.19 9.49
N ARG B 17 -2.67 -15.50 9.41
CA ARG B 17 -2.61 -14.07 9.60
C ARG B 17 -2.78 -13.25 8.30
N GLY B 18 -3.11 -13.92 7.20
CA GLY B 18 -3.54 -13.30 5.96
C GLY B 18 -2.41 -12.59 5.27
N LEU B 19 -1.22 -13.17 5.34
CA LEU B 19 -0.02 -12.56 4.71
C LEU B 19 0.42 -13.16 3.38
N VAL B 20 -0.39 -14.02 2.77
CA VAL B 20 0.06 -14.72 1.55
C VAL B 20 0.28 -13.72 0.41
N GLY B 21 -0.73 -12.86 0.16
CA GLY B 21 -0.64 -11.83 -0.93
C GLY B 21 0.53 -10.90 -0.73
N GLU B 22 0.66 -10.40 0.49
N GLU B 22 0.65 -10.41 0.50
CA GLU B 22 1.77 -9.50 0.81
CA GLU B 22 1.74 -9.53 0.95
C GLU B 22 3.13 -10.11 0.52
C GLU B 22 3.11 -10.09 0.62
N ILE B 23 3.30 -11.37 0.92
CA ILE B 23 4.57 -12.03 0.77
C ILE B 23 4.91 -12.23 -0.68
N ILE B 24 3.93 -12.71 -1.46
CA ILE B 24 4.16 -13.03 -2.87
C ILE B 24 4.49 -11.69 -3.59
N LYS B 25 3.77 -10.63 -3.21
CA LYS B 25 4.00 -9.33 -3.82
C LYS B 25 5.44 -8.86 -3.61
N ARG B 26 6.01 -9.10 -2.43
CA ARG B 26 7.42 -8.72 -2.25
C ARG B 26 8.37 -9.41 -3.20
N PHE B 27 8.13 -10.68 -3.44
CA PHE B 27 8.98 -11.42 -4.35
C PHE B 27 8.71 -10.98 -5.76
N GLU B 28 7.47 -10.68 -6.11
CA GLU B 28 7.18 -10.29 -7.50
C GLU B 28 7.80 -8.93 -7.80
N GLN B 29 7.68 -8.02 -6.83
CA GLN B 29 8.12 -6.62 -7.04
C GLN B 29 9.61 -6.51 -7.14
N LYS B 30 10.30 -7.45 -6.53
CA LYS B 30 11.78 -7.54 -6.59
C LYS B 30 12.32 -7.89 -7.97
N GLY B 31 11.52 -8.63 -8.74
CA GLY B 31 11.90 -9.08 -10.08
C GLY B 31 12.09 -10.59 -10.16
N PHE B 32 11.90 -11.31 -9.05
CA PHE B 32 12.03 -12.78 -9.13
C PHE B 32 10.84 -13.44 -9.87
N ARG B 33 11.10 -14.63 -10.43
CA ARG B 33 10.14 -15.36 -11.21
C ARG B 33 9.51 -16.53 -10.41
N LEU B 34 8.20 -16.55 -10.31
CA LEU B 34 7.50 -17.61 -9.66
C LEU B 34 7.57 -18.81 -10.59
N VAL B 35 8.11 -19.89 -10.05
CA VAL B 35 8.31 -21.14 -10.80
C VAL B 35 7.28 -22.23 -10.44
N ALA B 36 6.90 -22.29 -9.16
CA ALA B 36 5.96 -23.32 -8.67
C ALA B 36 5.27 -22.76 -7.43
N MET B 37 4.03 -23.20 -7.21
CA MET B 37 3.27 -22.80 -6.03
C MET B 37 2.15 -23.77 -5.80
N LYS B 38 2.00 -24.17 -4.55
CA LYS B 38 0.87 -25.00 -4.15
C LYS B 38 0.52 -24.80 -2.69
N PHE B 39 -0.72 -25.09 -2.31
CA PHE B 39 -1.25 -24.86 -0.98
C PHE B 39 -1.65 -26.22 -0.46
N LEU B 40 -1.18 -26.58 0.73
CA LEU B 40 -1.43 -27.93 1.26
C LEU B 40 -1.24 -27.98 2.72
N ARG B 41 -1.81 -28.99 3.35
CA ARG B 41 -1.46 -29.31 4.75
C ARG B 41 -0.37 -30.38 4.63
N ALA B 42 0.88 -30.01 4.97
CA ALA B 42 2.01 -30.93 4.79
C ALA B 42 1.79 -32.08 5.76
N SER B 43 1.98 -33.30 5.33
CA SER B 43 1.82 -34.46 6.23
C SER B 43 2.93 -34.54 7.27
N GLU B 44 2.69 -35.31 8.32
CA GLU B 44 3.71 -35.46 9.33
C GLU B 44 4.97 -36.08 8.72
N GLU B 45 4.81 -37.08 7.87
CA GLU B 45 5.95 -37.74 7.20
C GLU B 45 6.74 -36.80 6.35
N HIS B 46 6.04 -36.02 5.54
CA HIS B 46 6.63 -34.99 4.70
C HIS B 46 7.44 -34.00 5.54
N LEU B 47 6.86 -33.56 6.65
CA LEU B 47 7.52 -32.58 7.52
C LEU B 47 8.75 -33.20 8.20
N LYS B 48 8.65 -34.44 8.63
CA LYS B 48 9.76 -35.09 9.27
C LYS B 48 10.94 -35.21 8.30
N GLN B 49 10.62 -35.43 7.01
CA GLN B 49 11.64 -35.40 5.95
C GLN B 49 12.24 -34.05 5.70
N HIS B 50 11.40 -33.03 5.68
CA HIS B 50 11.85 -31.66 5.49
C HIS B 50 12.82 -31.29 6.63
N TYR B 51 12.49 -31.69 7.86
CA TYR B 51 13.31 -31.39 9.06
C TYR B 51 14.21 -32.56 9.48
N ILE B 52 14.58 -33.42 8.52
CA ILE B 52 15.36 -34.66 8.84
C ILE B 52 16.60 -34.34 9.70
N ASP B 53 17.24 -33.18 9.45
CA ASP B 53 18.48 -32.86 10.16
C ASP B 53 18.24 -32.65 11.64
N LEU B 54 17.00 -32.31 11.99
CA LEU B 54 16.63 -32.04 13.35
C LEU B 54 15.83 -33.18 13.98
N LYS B 55 15.78 -34.35 13.31
CA LYS B 55 15.02 -35.51 13.83
C LYS B 55 15.38 -35.99 15.22
N ASP B 56 16.60 -35.72 15.66
CA ASP B 56 17.05 -36.13 17.04
C ASP B 56 16.98 -35.03 18.07
N ARG B 57 16.29 -33.95 17.76
CA ARG B 57 16.16 -32.83 18.70
C ARG B 57 14.92 -32.96 19.55
N PRO B 58 15.01 -32.55 20.81
CA PRO B 58 13.83 -32.64 21.69
C PRO B 58 12.56 -31.96 21.15
N PHE B 59 12.73 -30.83 20.45
CA PHE B 59 11.59 -30.02 19.97
C PHE B 59 10.98 -30.53 18.65
N PHE B 60 11.59 -31.55 18.04
CA PHE B 60 11.17 -32.00 16.71
C PHE B 60 9.70 -32.37 16.65
N PRO B 61 9.20 -33.19 17.60
CA PRO B 61 7.74 -33.49 17.52
C PRO B 61 6.85 -32.23 17.54
N GLY B 62 7.14 -31.27 18.42
CA GLY B 62 6.29 -30.08 18.52
C GLY B 62 6.38 -29.25 17.24
N LEU B 63 7.56 -29.27 16.64
CA LEU B 63 7.82 -28.55 15.40
C LEU B 63 6.99 -29.13 14.25
N VAL B 64 7.03 -30.46 14.12
CA VAL B 64 6.21 -31.13 13.15
C VAL B 64 4.73 -30.89 13.42
N LYS B 65 4.31 -30.97 14.68
CA LYS B 65 2.89 -30.75 15.05
C LYS B 65 2.45 -29.36 14.57
N TYR B 66 3.21 -28.31 14.91
N TYR B 66 3.24 -28.37 14.89
CA TYR B 66 2.96 -26.90 14.44
CA TYR B 66 2.93 -27.02 14.52
C TYR B 66 2.87 -26.83 12.95
C TYR B 66 2.92 -26.79 13.01
N MET B 67 3.87 -27.37 12.27
CA MET B 67 3.93 -27.19 10.86
C MET B 67 2.83 -27.96 10.11
N ASN B 68 2.21 -28.91 10.79
CA ASN B 68 1.07 -29.65 10.29
C ASN B 68 -0.28 -29.06 10.71
N SER B 69 -0.24 -28.02 11.53
CA SER B 69 -1.45 -27.51 12.23
C SER B 69 -2.33 -26.61 11.38
N GLY B 70 -1.87 -26.28 10.18
CA GLY B 70 -2.67 -25.59 9.19
C GLY B 70 -1.93 -25.70 7.89
N PRO B 71 -2.53 -25.23 6.79
CA PRO B 71 -1.87 -25.26 5.51
C PRO B 71 -0.72 -24.29 5.38
N VAL B 72 0.19 -24.64 4.48
CA VAL B 72 1.30 -23.83 4.09
C VAL B 72 1.20 -23.50 2.60
N VAL B 73 1.83 -22.40 2.19
CA VAL B 73 1.96 -22.10 0.79
C VAL B 73 3.42 -22.43 0.43
N ALA B 74 3.60 -23.42 -0.43
CA ALA B 74 4.94 -23.85 -0.87
C ALA B 74 5.20 -23.20 -2.22
N MET B 75 6.39 -22.63 -2.38
CA MET B 75 6.77 -21.94 -3.60
C MET B 75 8.23 -22.21 -4.02
N VAL B 76 8.50 -22.06 -5.30
CA VAL B 76 9.85 -22.02 -5.88
C VAL B 76 9.93 -20.68 -6.63
N TRP B 77 11.01 -19.96 -6.36
CA TRP B 77 11.28 -18.68 -7.04
C TRP B 77 12.64 -18.81 -7.71
N GLU B 78 12.77 -18.14 -8.85
CA GLU B 78 13.98 -18.19 -9.66
C GLU B 78 14.52 -16.77 -9.85
N GLY B 79 15.85 -16.68 -9.71
CA GLY B 79 16.61 -15.54 -10.13
C GLY B 79 18.03 -15.53 -9.64
N LEU B 80 18.73 -14.48 -10.03
CA LEU B 80 20.12 -14.33 -9.67
C LEU B 80 20.26 -14.24 -8.17
N ASN B 81 21.07 -15.12 -7.57
CA ASN B 81 21.30 -15.13 -6.14
C ASN B 81 20.02 -15.19 -5.30
N VAL B 82 19.01 -15.88 -5.81
CA VAL B 82 17.73 -15.85 -5.12
C VAL B 82 17.78 -16.56 -3.78
N VAL B 83 18.69 -17.52 -3.61
CA VAL B 83 18.77 -18.19 -2.34
C VAL B 83 19.19 -17.21 -1.25
N LYS B 84 20.31 -16.50 -1.47
CA LYS B 84 20.80 -15.56 -0.49
C LYS B 84 19.87 -14.35 -0.35
N THR B 85 19.46 -13.79 -1.49
CA THR B 85 18.60 -12.59 -1.51
C THR B 85 17.23 -12.86 -0.91
N GLY B 86 16.65 -14.05 -1.17
CA GLY B 86 15.40 -14.42 -0.53
C GLY B 86 15.53 -14.43 1.01
N ALA B 87 16.63 -15.04 1.50
CA ALA B 87 16.94 -15.05 2.91
C ALA B 87 16.99 -13.66 3.51
N VAL B 88 17.66 -12.73 2.81
CA VAL B 88 17.76 -11.37 3.27
C VAL B 88 16.38 -10.73 3.36
N MET B 89 15.60 -10.96 2.35
CA MET B 89 14.22 -10.42 2.26
C MET B 89 13.34 -10.94 3.38
N LEU B 90 13.51 -12.20 3.75
CA LEU B 90 12.78 -12.78 4.90
C LEU B 90 13.22 -12.21 6.24
N GLY B 91 14.52 -11.94 6.40
CA GLY B 91 15.08 -11.42 7.65
C GLY B 91 15.75 -12.57 8.36
N GLU B 92 16.16 -12.34 9.60
CA GLU B 92 16.87 -13.34 10.39
C GLU B 92 15.84 -14.34 10.88
N THR B 93 16.29 -15.56 11.19
CA THR B 93 15.38 -16.60 11.66
C THR B 93 14.56 -16.14 12.83
N ASN B 94 15.21 -15.53 13.81
CA ASN B 94 14.55 -14.95 14.95
C ASN B 94 14.03 -13.58 14.56
N PRO B 95 12.70 -13.40 14.55
CA PRO B 95 12.11 -12.07 14.28
C PRO B 95 12.63 -10.91 15.21
N ALA B 96 13.09 -11.23 16.43
CA ALA B 96 13.80 -10.24 17.31
C ALA B 96 14.96 -9.57 16.62
N ASP B 97 15.68 -10.34 15.81
CA ASP B 97 16.84 -9.85 15.08
C ASP B 97 16.57 -9.38 13.66
N SER B 98 15.33 -9.56 13.17
CA SER B 98 15.00 -9.21 11.79
C SER B 98 14.70 -7.71 11.75
N LYS B 99 15.22 -7.05 10.73
CA LYS B 99 15.14 -5.58 10.65
C LYS B 99 13.78 -5.18 10.03
N PRO B 100 13.28 -3.99 10.42
CA PRO B 100 12.15 -3.39 9.73
C PRO B 100 12.44 -3.36 8.21
N GLY B 101 11.43 -3.72 7.44
CA GLY B 101 11.57 -3.84 6.00
C GLY B 101 11.62 -5.28 5.51
N THR B 102 12.08 -6.17 6.38
CA THR B 102 12.05 -7.61 6.08
C THR B 102 10.67 -8.19 6.41
N ILE B 103 10.37 -9.35 5.85
CA ILE B 103 9.11 -10.02 6.06
C ILE B 103 8.91 -10.33 7.54
N ARG B 104 9.88 -11.02 8.15
CA ARG B 104 9.75 -11.29 9.55
C ARG B 104 9.80 -10.05 10.41
N GLY B 105 10.66 -9.06 10.09
CA GLY B 105 10.75 -7.87 10.88
C GLY B 105 9.46 -7.10 10.87
N ASP B 106 8.74 -7.12 9.75
CA ASP B 106 7.56 -6.28 9.61
C ASP B 106 6.35 -6.98 10.26
N PHE B 107 6.32 -8.30 10.24
CA PHE B 107 5.08 -9.03 10.47
C PHE B 107 5.01 -10.04 11.60
N CYS B 108 6.11 -10.35 12.29
CA CYS B 108 6.02 -11.30 13.38
C CYS B 108 7.00 -10.99 14.53
N ILE B 109 6.91 -11.80 15.59
CA ILE B 109 7.49 -11.43 16.86
C ILE B 109 8.39 -12.56 17.42
N GLN B 110 7.89 -13.80 17.38
CA GLN B 110 8.51 -14.95 18.08
C GLN B 110 9.06 -16.00 17.12
N VAL B 111 10.20 -16.61 17.48
CA VAL B 111 10.91 -17.50 16.53
C VAL B 111 10.07 -18.71 16.16
N GLY B 112 9.25 -19.16 17.12
CA GLY B 112 8.34 -20.30 16.92
C GLY B 112 7.14 -20.02 16.06
N ARG B 113 6.91 -18.72 15.79
CA ARG B 113 5.81 -18.26 14.95
C ARG B 113 6.42 -17.23 14.00
N ASN B 114 7.33 -17.70 13.14
CA ASN B 114 8.17 -16.83 12.33
C ASN B 114 7.76 -16.84 10.83
N ILE B 115 6.50 -17.19 10.59
CA ILE B 115 5.67 -17.05 9.36
C ILE B 115 6.15 -17.59 8.02
N ILE B 116 7.46 -17.80 7.87
CA ILE B 116 8.05 -18.11 6.57
C ILE B 116 9.38 -18.84 6.71
N HIS B 117 9.65 -19.68 5.70
CA HIS B 117 10.89 -20.43 5.53
C HIS B 117 11.47 -20.11 4.17
N GLY B 118 12.78 -19.95 4.10
CA GLY B 118 13.48 -19.97 2.81
C GLY B 118 14.71 -20.87 2.90
N SER B 119 15.10 -21.40 1.77
CA SER B 119 16.26 -22.30 1.72
C SER B 119 17.53 -21.58 2.18
N ASP B 120 18.43 -22.32 2.81
CA ASP B 120 19.60 -21.65 3.37
C ASP B 120 20.86 -21.80 2.50
N SER B 121 20.75 -22.55 1.41
CA SER B 121 21.82 -22.79 0.48
C SER B 121 21.22 -23.41 -0.79
N VAL B 122 21.99 -23.44 -1.87
CA VAL B 122 21.59 -24.07 -3.13
C VAL B 122 21.29 -25.56 -2.87
N LYS B 123 22.16 -26.24 -2.12
CA LYS B 123 21.95 -27.65 -1.84
C LYS B 123 20.62 -27.90 -1.07
N SER B 124 20.38 -27.10 -0.04
CA SER B 124 19.12 -27.16 0.70
C SER B 124 17.93 -26.90 -0.21
N ALA B 125 18.04 -25.88 -1.07
CA ALA B 125 16.96 -25.53 -1.99
C ALA B 125 16.63 -26.71 -2.91
N GLU B 126 17.64 -27.38 -3.46
CA GLU B 126 17.38 -28.46 -4.38
C GLU B 126 16.73 -29.67 -3.68
N LYS B 127 17.19 -29.96 -2.48
CA LYS B 127 16.57 -30.96 -1.61
C LYS B 127 15.10 -30.62 -1.34
N GLU B 128 14.84 -29.36 -0.98
CA GLU B 128 13.51 -28.96 -0.56
C GLU B 128 12.58 -28.96 -1.78
N ILE B 129 13.08 -28.50 -2.91
CA ILE B 129 12.30 -28.46 -4.18
C ILE B 129 11.92 -29.88 -4.60
N SER B 130 12.88 -30.81 -4.52
CA SER B 130 12.60 -32.24 -4.77
C SER B 130 11.64 -32.87 -3.81
N LEU B 131 11.67 -32.51 -2.52
CA LEU B 131 10.76 -33.06 -1.53
C LEU B 131 9.34 -32.53 -1.71
N TRP B 132 9.22 -31.21 -1.87
CA TRP B 132 7.92 -30.54 -1.88
C TRP B 132 7.18 -30.55 -3.22
N PHE B 133 7.92 -30.60 -4.32
CA PHE B 133 7.35 -30.51 -5.65
C PHE B 133 7.65 -31.70 -6.50
N LYS B 134 6.69 -32.11 -7.32
CA LYS B 134 6.98 -32.96 -8.44
C LYS B 134 7.69 -32.09 -9.51
N PRO B 135 8.63 -32.69 -10.29
CA PRO B 135 9.32 -31.99 -11.38
C PRO B 135 8.37 -31.23 -12.31
N GLU B 136 7.25 -31.84 -12.64
CA GLU B 136 6.28 -31.26 -13.55
C GLU B 136 5.52 -30.04 -12.92
N GLU B 137 5.63 -29.84 -11.62
CA GLU B 137 4.99 -28.68 -10.98
C GLU B 137 5.86 -27.42 -11.11
N LEU B 138 7.08 -27.54 -11.64
CA LEU B 138 7.93 -26.33 -11.87
C LEU B 138 7.73 -25.91 -13.30
N VAL B 139 7.21 -24.71 -13.47
CA VAL B 139 6.81 -24.24 -14.77
C VAL B 139 7.86 -23.35 -15.42
N ASP B 140 8.22 -23.68 -16.66
CA ASP B 140 9.13 -22.88 -17.45
C ASP B 140 8.36 -21.82 -18.23
N TYR B 141 8.81 -20.59 -18.09
CA TYR B 141 8.31 -19.44 -18.86
C TYR B 141 9.32 -18.31 -18.69
N LYS B 142 9.23 -17.33 -19.56
CA LYS B 142 10.15 -16.21 -19.51
C LYS B 142 9.40 -14.93 -19.17
N SER B 143 9.82 -14.25 -18.11
CA SER B 143 9.21 -12.95 -17.76
C SER B 143 9.26 -11.91 -18.85
N CYS B 144 8.14 -11.21 -19.04
CA CYS B 144 8.11 -10.19 -20.06
C CYS B 144 9.13 -9.11 -19.77
N ALA B 145 9.52 -8.96 -18.49
CA ALA B 145 10.41 -7.89 -18.08
C ALA B 145 11.83 -8.37 -17.92
N HIS B 146 12.12 -9.60 -18.32
CA HIS B 146 13.41 -10.23 -18.10
C HIS B 146 14.58 -9.32 -18.52
N ASP B 147 14.47 -8.70 -19.69
CA ASP B 147 15.58 -7.86 -20.23
C ASP B 147 15.74 -6.53 -19.54
N TRP B 148 14.78 -6.23 -18.67
CA TRP B 148 14.81 -5.03 -17.85
C TRP B 148 15.22 -5.36 -16.42
N VAL B 149 15.14 -6.63 -16.04
CA VAL B 149 15.68 -7.10 -14.77
C VAL B 149 17.14 -7.55 -14.90
N TYR B 150 17.48 -8.14 -16.06
CA TYR B 150 18.86 -8.66 -16.32
C TYR B 150 19.54 -8.07 -17.54
N GLU B 151 20.84 -7.82 -17.41
CA GLU B 151 21.66 -7.40 -18.52
C GLU B 151 21.76 -8.52 -19.51
N ALA C 1 6.78 -12.80 29.85
CA ALA C 1 7.49 -12.06 28.76
C ALA C 1 6.49 -11.30 27.87
N ASN C 2 5.49 -12.08 27.41
CA ASN C 2 4.50 -11.64 26.42
C ASN C 2 3.57 -10.47 26.84
N LEU C 3 3.68 -10.02 28.10
CA LEU C 3 2.76 -9.06 28.63
C LEU C 3 3.43 -7.70 28.79
N GLU C 4 4.64 -7.58 28.28
CA GLU C 4 5.38 -6.32 28.30
C GLU C 4 4.54 -5.28 27.55
N ARG C 5 4.53 -4.04 28.02
CA ARG C 5 3.88 -2.90 27.32
C ARG C 5 4.87 -1.77 27.09
N THR C 6 4.62 -0.99 26.03
CA THR C 6 5.39 0.19 25.79
C THR C 6 4.42 1.35 25.50
N PHE C 7 4.94 2.56 25.69
CA PHE C 7 4.26 3.82 25.41
C PHE C 7 4.78 4.42 24.13
N ILE C 8 3.86 4.62 23.18
CA ILE C 8 4.16 5.20 21.90
C ILE C 8 3.30 6.45 21.77
N ALA C 9 3.90 7.58 21.42
CA ALA C 9 3.13 8.79 21.13
C ALA C 9 3.49 9.35 19.77
N ILE C 10 2.48 9.60 18.94
CA ILE C 10 2.68 10.21 17.66
C ILE C 10 2.66 11.70 17.96
N LYS C 11 3.78 12.34 17.65
CA LYS C 11 4.03 13.74 17.98
C LYS C 11 3.20 14.66 17.08
N PRO C 12 3.13 15.97 17.43
CA PRO C 12 2.24 16.86 16.63
C PRO C 12 2.55 16.89 15.12
N ASP C 13 3.82 16.76 14.72
CA ASP C 13 4.18 16.64 13.33
C ASP C 13 3.64 15.39 12.64
N GLY C 14 3.60 14.26 13.34
CA GLY C 14 3.08 13.04 12.72
C GLY C 14 1.57 13.14 12.44
N VAL C 15 0.85 13.73 13.38
CA VAL C 15 -0.60 14.03 13.18
C VAL C 15 -0.83 15.01 12.02
N GLN C 16 -0.06 16.09 12.03
CA GLN C 16 -0.20 17.15 11.00
C GLN C 16 0.12 16.64 9.62
N ARG C 17 1.10 15.73 9.52
CA ARG C 17 1.49 15.19 8.26
C ARG C 17 0.69 13.93 7.81
N GLY C 18 -0.36 13.59 8.52
CA GLY C 18 -1.28 12.56 8.06
C GLY C 18 -0.71 11.16 8.19
N LEU C 19 0.09 10.95 9.22
CA LEU C 19 0.78 9.63 9.40
C LEU C 19 0.19 8.75 10.49
N VAL C 20 -0.94 9.15 11.07
CA VAL C 20 -1.45 8.36 12.18
C VAL C 20 -1.80 6.90 11.76
N GLY C 21 -2.55 6.75 10.67
CA GLY C 21 -2.95 5.44 10.19
C GLY C 21 -1.77 4.57 9.82
N GLU C 22 -0.84 5.18 9.07
N GLU C 22 -0.81 5.15 9.09
CA GLU C 22 0.39 4.56 8.67
CA GLU C 22 0.36 4.39 8.70
C GLU C 22 1.12 3.94 9.88
C GLU C 22 1.10 3.88 9.93
N ILE C 23 1.23 4.71 10.96
CA ILE C 23 2.00 4.31 12.15
C ILE C 23 1.28 3.16 12.86
N ILE C 24 -0.02 3.30 13.09
CA ILE C 24 -0.80 2.26 13.78
C ILE C 24 -0.75 0.93 12.97
N LYS C 25 -0.83 1.02 11.64
CA LYS C 25 -0.78 -0.22 10.81
C LYS C 25 0.50 -0.97 11.06
N ARG C 26 1.60 -0.26 11.28
CA ARG C 26 2.89 -0.93 11.48
C ARG C 26 2.92 -1.73 12.73
N PHE C 27 2.32 -1.19 13.80
CA PHE C 27 2.27 -1.91 15.06
C PHE C 27 1.27 -3.06 14.96
N GLU C 28 0.13 -2.84 14.30
CA GLU C 28 -0.89 -3.89 14.13
C GLU C 28 -0.33 -5.10 13.38
N GLN C 29 0.29 -4.81 12.25
CA GLN C 29 0.75 -5.84 11.34
C GLN C 29 1.87 -6.67 11.94
N LYS C 30 2.59 -6.08 12.86
CA LYS C 30 3.72 -6.75 13.56
C LYS C 30 3.18 -7.87 14.46
N GLY C 31 1.93 -7.74 14.94
CA GLY C 31 1.37 -8.67 15.90
C GLY C 31 1.25 -8.13 17.34
N PHE C 32 1.58 -6.86 17.59
CA PHE C 32 1.37 -6.22 18.89
C PHE C 32 -0.12 -5.87 19.13
N ARG C 33 -0.52 -5.87 20.39
CA ARG C 33 -1.92 -5.65 20.80
C ARG C 33 -2.03 -4.22 21.27
N LEU C 34 -2.94 -3.49 20.66
CA LEU C 34 -3.25 -2.15 21.17
C LEU C 34 -4.02 -2.27 22.47
N VAL C 35 -3.48 -1.69 23.53
CA VAL C 35 -4.05 -1.68 24.86
C VAL C 35 -4.82 -0.40 25.18
N ALA C 36 -4.30 0.76 24.75
CA ALA C 36 -4.91 2.03 25.01
C ALA C 36 -4.55 3.00 23.94
N MET C 37 -5.46 3.93 23.68
CA MET C 37 -5.20 4.98 22.73
C MET C 37 -6.11 6.17 23.05
N LYS C 38 -5.55 7.37 22.97
CA LYS C 38 -6.33 8.60 23.01
C LYS C 38 -5.61 9.75 22.28
N PHE C 39 -6.36 10.79 21.96
CA PHE C 39 -5.92 11.89 21.12
C PHE C 39 -6.15 13.15 21.96
N LEU C 40 -5.13 13.96 22.09
CA LEU C 40 -5.17 15.09 23.01
C LEU C 40 -4.08 16.09 22.73
N ARG C 41 -4.35 17.32 23.13
N ARG C 41 -4.29 17.36 23.11
CA ARG C 41 -3.34 18.35 23.22
CA ARG C 41 -3.24 18.38 23.10
C ARG C 41 -2.81 18.17 24.62
C ARG C 41 -2.68 18.43 24.52
N ALA C 42 -1.56 17.76 24.71
CA ALA C 42 -0.92 17.62 25.98
C ALA C 42 -0.63 19.00 26.57
N SER C 43 -1.01 19.22 27.85
CA SER C 43 -0.80 20.53 28.50
C SER C 43 0.69 20.79 28.73
N GLU C 44 1.10 22.05 28.74
CA GLU C 44 2.47 22.44 29.11
C GLU C 44 2.92 21.78 30.44
N GLU C 45 2.04 21.76 31.42
CA GLU C 45 2.29 21.08 32.70
C GLU C 45 2.60 19.58 32.54
N HIS C 46 1.72 18.90 31.82
CA HIS C 46 1.83 17.45 31.61
C HIS C 46 3.14 17.13 30.89
N LEU C 47 3.44 17.93 29.87
CA LEU C 47 4.65 17.76 29.09
C LEU C 47 5.93 17.98 29.94
N LYS C 48 5.88 18.99 30.84
CA LYS C 48 6.99 19.28 31.75
C LYS C 48 7.21 18.11 32.72
N GLN C 49 6.12 17.49 33.17
CA GLN C 49 6.22 16.24 33.91
C GLN C 49 6.83 15.12 33.07
N HIS C 50 6.31 14.94 31.85
CA HIS C 50 6.83 13.91 30.93
C HIS C 50 8.31 14.13 30.62
N TYR C 51 8.72 15.39 30.43
CA TYR C 51 10.15 15.72 30.13
C TYR C 51 10.92 16.27 31.34
N ILE C 52 10.49 15.90 32.56
CA ILE C 52 11.01 16.48 33.80
C ILE C 52 12.50 16.27 33.98
N ASP C 53 13.01 15.17 33.44
CA ASP C 53 14.44 14.89 33.40
C ASP C 53 15.22 15.76 32.40
N LEU C 54 14.59 16.82 31.89
CA LEU C 54 15.30 17.80 31.06
C LEU C 54 14.98 19.26 31.45
N LYS C 55 14.25 19.43 32.55
CA LYS C 55 13.90 20.76 33.02
C LYS C 55 15.10 21.70 32.99
N ASP C 56 16.25 21.19 33.41
CA ASP C 56 17.44 22.03 33.59
C ASP C 56 18.26 22.07 32.30
N ARG C 57 17.61 22.07 31.16
CA ARG C 57 18.33 21.91 29.93
C ARG C 57 17.94 23.12 29.02
N PRO C 58 18.84 23.52 28.11
CA PRO C 58 18.62 24.62 27.17
C PRO C 58 17.35 24.44 26.36
N PHE C 59 17.14 23.23 25.83
CA PHE C 59 16.22 23.03 24.72
C PHE C 59 14.81 22.73 25.22
N PHE C 60 14.54 23.13 26.46
CA PHE C 60 13.40 22.60 27.20
C PHE C 60 12.13 23.37 26.88
N PRO C 61 12.22 24.70 26.93
CA PRO C 61 11.05 25.56 26.75
C PRO C 61 10.49 25.47 25.34
N GLY C 62 11.36 25.25 24.37
CA GLY C 62 10.95 25.09 22.97
C GLY C 62 10.50 23.68 22.60
N LEU C 63 11.07 22.69 23.29
CA LEU C 63 10.61 21.31 23.21
C LEU C 63 9.17 21.20 23.70
N VAL C 64 8.92 21.80 24.85
CA VAL C 64 7.59 21.79 25.48
C VAL C 64 6.61 22.58 24.63
N LYS C 65 7.13 23.63 23.99
CA LYS C 65 6.42 24.42 23.00
C LYS C 65 5.96 23.60 21.80
N TYR C 66 6.90 22.93 21.12
CA TYR C 66 6.62 22.04 19.97
C TYR C 66 5.63 20.94 20.35
N MET C 67 5.86 20.33 21.50
CA MET C 67 5.02 19.21 21.89
C MET C 67 3.62 19.60 22.30
N ASN C 68 3.43 20.90 22.56
CA ASN C 68 2.12 21.49 22.88
C ASN C 68 1.46 22.16 21.67
N SER C 69 2.17 22.16 20.54
CA SER C 69 1.81 22.94 19.35
C SER C 69 0.70 22.30 18.53
N GLY C 70 0.29 21.08 18.91
CA GLY C 70 -0.73 20.36 18.18
C GLY C 70 -1.05 19.15 19.01
N PRO C 71 -2.13 18.44 18.68
CA PRO C 71 -2.41 17.24 19.43
C PRO C 71 -1.46 16.09 19.07
N VAL C 72 -1.41 15.14 19.99
CA VAL C 72 -0.63 13.91 19.87
C VAL C 72 -1.59 12.73 19.98
N VAL C 73 -1.21 11.58 19.45
CA VAL C 73 -1.94 10.31 19.66
C VAL C 73 -1.10 9.52 20.64
N ALA C 74 -1.64 9.29 21.82
CA ALA C 74 -0.96 8.53 22.84
C ALA C 74 -1.46 7.10 22.79
N MET C 75 -0.56 6.15 22.86
CA MET C 75 -0.89 4.73 22.79
C MET C 75 -0.09 3.87 23.76
N VAL C 76 -0.67 2.72 24.09
CA VAL C 76 -0.01 1.64 24.86
C VAL C 76 -0.16 0.40 23.98
N TRP C 77 0.99 -0.21 23.67
CA TRP C 77 1.01 -1.46 22.90
C TRP C 77 1.65 -2.57 23.72
N GLU C 78 1.12 -3.77 23.56
CA GLU C 78 1.64 -4.97 24.27
C GLU C 78 2.24 -6.01 23.36
N GLY C 79 3.30 -6.65 23.86
CA GLY C 79 3.85 -7.81 23.22
C GLY C 79 5.22 -8.14 23.76
N LEU C 80 5.66 -9.34 23.44
CA LEU C 80 7.03 -9.74 23.76
C LEU C 80 8.01 -8.74 23.20
N ASN C 81 8.82 -8.25 24.13
CA ASN C 81 9.91 -7.31 23.86
C ASN C 81 9.48 -6.11 23.10
N VAL C 82 8.23 -5.72 23.31
CA VAL C 82 7.66 -4.57 22.60
C VAL C 82 8.44 -3.28 22.85
N VAL C 83 9.04 -3.09 24.02
CA VAL C 83 9.81 -1.89 24.26
C VAL C 83 11.01 -1.77 23.35
N LYS C 84 11.92 -2.76 23.38
CA LYS C 84 13.05 -2.81 22.48
C LYS C 84 12.64 -2.89 21.00
N THR C 85 11.71 -3.76 20.69
CA THR C 85 11.31 -3.93 19.32
C THR C 85 10.59 -2.70 18.75
N GLY C 86 9.67 -2.12 19.52
CA GLY C 86 9.07 -0.81 19.17
C GLY C 86 10.08 0.26 18.83
N ALA C 87 11.13 0.36 19.65
CA ALA C 87 12.25 1.25 19.37
C ALA C 87 12.93 1.00 18.03
N VAL C 88 13.18 -0.26 17.68
CA VAL C 88 13.80 -0.59 16.40
C VAL C 88 12.89 -0.17 15.23
N MET C 89 11.60 -0.43 15.42
N MET C 89 11.60 -0.40 15.42
CA MET C 89 10.58 -0.07 14.42
CA MET C 89 10.61 -0.09 14.41
C MET C 89 10.52 1.42 14.16
C MET C 89 10.49 1.43 14.16
N LEU C 90 10.69 2.22 15.21
CA LEU C 90 10.66 3.71 15.11
C LEU C 90 11.90 4.23 14.42
N GLY C 91 13.04 3.58 14.72
CA GLY C 91 14.33 3.94 14.12
C GLY C 91 15.18 4.59 15.18
N GLU C 92 16.21 5.29 14.77
CA GLU C 92 17.03 6.07 15.70
C GLU C 92 16.35 7.41 15.97
N THR C 93 16.66 8.03 17.12
CA THR C 93 16.16 9.38 17.47
C THR C 93 16.32 10.43 16.37
N ASN C 94 17.52 10.51 15.80
CA ASN C 94 17.76 11.32 14.65
C ASN C 94 17.27 10.61 13.39
N PRO C 95 16.24 11.18 12.70
CA PRO C 95 15.83 10.57 11.42
C PRO C 95 16.97 10.33 10.42
N ALA C 96 18.01 11.17 10.41
CA ALA C 96 19.14 11.00 9.49
C ALA C 96 19.92 9.71 9.69
N ASP C 97 19.84 9.14 10.89
CA ASP C 97 20.43 7.83 11.22
C ASP C 97 19.44 6.67 11.20
N SER C 98 18.19 6.95 10.89
CA SER C 98 17.13 5.95 10.88
C SER C 98 17.11 5.29 9.49
N LYS C 99 17.08 3.97 9.52
CA LYS C 99 17.17 3.16 8.31
C LYS C 99 15.85 3.22 7.55
N PRO C 100 15.91 3.17 6.21
CA PRO C 100 14.69 2.96 5.47
C PRO C 100 13.96 1.70 5.98
N GLY C 101 12.65 1.76 6.14
CA GLY C 101 11.93 0.66 6.69
C GLY C 101 11.37 0.98 8.07
N THR C 102 12.06 1.87 8.75
CA THR C 102 11.64 2.33 10.06
C THR C 102 10.70 3.50 9.86
N ILE C 103 9.94 3.78 10.87
CA ILE C 103 8.99 4.91 10.81
C ILE C 103 9.72 6.24 10.61
N ARG C 104 10.69 6.57 11.46
CA ARG C 104 11.44 7.81 11.22
C ARG C 104 12.24 7.77 9.93
N GLY C 105 12.81 6.63 9.52
CA GLY C 105 13.58 6.52 8.28
C GLY C 105 12.74 6.79 7.05
N ASP C 106 11.53 6.29 7.07
CA ASP C 106 10.62 6.46 5.99
C ASP C 106 9.98 7.83 5.94
N PHE C 107 9.78 8.45 7.08
CA PHE C 107 8.80 9.50 7.08
C PHE C 107 9.25 10.88 7.49
N CYS C 108 10.45 11.04 8.01
CA CYS C 108 10.86 12.36 8.49
C CYS C 108 12.37 12.60 8.38
N ILE C 109 12.77 13.84 8.65
CA ILE C 109 14.09 14.32 8.25
C ILE C 109 14.93 14.88 9.41
N GLN C 110 14.31 15.60 10.35
CA GLN C 110 15.03 16.42 11.33
C GLN C 110 14.71 15.99 12.75
N VAL C 111 15.71 15.99 13.66
CA VAL C 111 15.50 15.43 15.01
C VAL C 111 14.44 16.15 15.83
N GLY C 112 14.30 17.46 15.62
CA GLY C 112 13.24 18.24 16.27
C GLY C 112 11.85 18.11 15.67
N ARG C 113 11.76 17.38 14.55
CA ARG C 113 10.49 17.00 13.97
C ARG C 113 10.55 15.52 13.60
N ASN C 114 10.59 14.67 14.62
CA ASN C 114 10.90 13.27 14.41
C ASN C 114 9.72 12.35 14.69
N ILE C 115 8.52 12.93 14.49
CA ILE C 115 7.17 12.33 14.43
C ILE C 115 6.65 11.42 15.51
N ILE C 116 7.51 10.82 16.33
CA ILE C 116 7.09 9.74 17.21
C ILE C 116 8.05 9.58 18.36
N HIS C 117 7.48 9.21 19.51
CA HIS C 117 8.20 8.82 20.73
C HIS C 117 7.86 7.40 21.11
N GLY C 118 8.88 6.64 21.54
CA GLY C 118 8.68 5.37 22.17
C GLY C 118 9.51 5.27 23.45
N SER C 119 8.98 4.52 24.40
CA SER C 119 9.67 4.29 25.68
C SER C 119 11.07 3.76 25.47
N ASP C 120 12.03 4.22 26.27
CA ASP C 120 13.38 3.70 26.14
C ASP C 120 13.69 2.49 27.02
N SER C 121 12.83 2.14 27.97
CA SER C 121 13.06 0.95 28.78
C SER C 121 11.75 0.51 29.37
N VAL C 122 11.72 -0.64 30.01
CA VAL C 122 10.50 -1.12 30.64
C VAL C 122 10.07 -0.22 31.82
N LYS C 123 11.05 0.27 32.58
CA LYS C 123 10.70 1.09 33.71
C LYS C 123 10.17 2.43 33.20
N SER C 124 10.83 2.99 32.19
CA SER C 124 10.35 4.22 31.56
C SER C 124 8.92 4.08 31.02
N ALA C 125 8.65 2.94 30.38
CA ALA C 125 7.30 2.63 29.84
C ALA C 125 6.27 2.62 30.93
N GLU C 126 6.56 2.03 32.10
CA GLU C 126 5.50 1.89 33.10
C GLU C 126 5.25 3.25 33.73
N LYS C 127 6.30 4.05 33.81
CA LYS C 127 6.20 5.43 34.22
C LYS C 127 5.31 6.25 33.25
N GLU C 128 5.61 6.12 31.97
CA GLU C 128 4.90 6.90 30.94
C GLU C 128 3.44 6.50 30.86
N ILE C 129 3.18 5.22 31.02
CA ILE C 129 1.82 4.72 30.94
C ILE C 129 1.02 5.27 32.08
N SER C 130 1.58 5.22 33.30
CA SER C 130 0.86 5.74 34.41
C SER C 130 0.71 7.27 34.35
N LEU C 131 1.63 7.99 33.70
CA LEU C 131 1.52 9.44 33.54
C LEU C 131 0.41 9.80 32.56
N TRP C 132 0.41 9.14 31.40
CA TRP C 132 -0.49 9.48 30.28
C TRP C 132 -1.89 8.88 30.32
N PHE C 133 -2.09 7.79 31.05
CA PHE C 133 -3.35 7.05 31.03
C PHE C 133 -3.86 6.77 32.43
N LYS C 134 -5.18 6.74 32.56
CA LYS C 134 -5.84 6.24 33.74
C LYS C 134 -5.77 4.75 33.66
N PRO C 135 -5.70 4.05 34.81
CA PRO C 135 -5.65 2.58 34.68
C PRO C 135 -6.88 1.98 33.94
N GLU C 136 -8.03 2.64 34.06
CA GLU C 136 -9.27 2.15 33.45
C GLU C 136 -9.27 2.37 31.93
N GLU C 137 -8.27 3.08 31.41
CA GLU C 137 -8.17 3.32 29.99
C GLU C 137 -7.36 2.21 29.30
N LEU C 138 -6.79 1.30 30.09
CA LEU C 138 -6.04 0.19 29.53
C LEU C 138 -6.93 -1.03 29.37
N VAL C 139 -7.20 -1.42 28.13
CA VAL C 139 -8.18 -2.46 27.86
C VAL C 139 -7.59 -3.85 27.76
N ASP C 140 -8.22 -4.82 28.44
CA ASP C 140 -7.74 -6.17 28.45
C ASP C 140 -8.64 -6.95 27.54
N TYR C 141 -8.07 -7.45 26.46
CA TYR C 141 -8.77 -8.37 25.56
C TYR C 141 -7.74 -9.28 24.93
N LYS C 142 -8.19 -10.36 24.28
CA LYS C 142 -7.30 -11.32 23.62
C LYS C 142 -7.45 -11.18 22.11
N SER C 143 -6.32 -11.06 21.44
N SER C 143 -6.32 -11.06 21.42
CA SER C 143 -6.26 -11.01 19.98
CA SER C 143 -6.34 -11.04 19.97
C SER C 143 -6.70 -12.34 19.38
C SER C 143 -6.76 -12.36 19.41
N CYS C 144 -7.58 -12.32 18.37
CA CYS C 144 -8.01 -13.53 17.69
C CYS C 144 -6.81 -14.29 17.13
N ALA C 145 -5.72 -13.62 16.79
CA ALA C 145 -4.58 -14.32 16.19
C ALA C 145 -3.45 -14.66 17.19
N HIS C 146 -3.74 -14.53 18.48
CA HIS C 146 -2.70 -14.63 19.51
C HIS C 146 -1.90 -15.93 19.39
N ASP C 147 -2.61 -17.04 19.28
CA ASP C 147 -1.96 -18.38 19.18
C ASP C 147 -1.16 -18.65 17.87
N TRP C 148 -1.31 -17.76 16.90
CA TRP C 148 -0.55 -17.79 15.67
C TRP C 148 0.61 -16.76 15.72
N VAL C 149 0.60 -15.85 16.69
CA VAL C 149 1.72 -14.95 16.96
C VAL C 149 2.68 -15.52 18.00
N TYR C 150 2.12 -16.31 18.92
CA TYR C 150 2.91 -16.84 20.06
C TYR C 150 2.71 -18.35 20.24
N GLU C 151 3.80 -19.07 20.49
CA GLU C 151 3.73 -20.47 20.89
C GLU C 151 2.94 -20.58 22.18
N ALA D 1 -1.62 -0.15 -34.87
CA ALA D 1 -2.25 1.22 -34.74
C ALA D 1 -1.49 2.02 -33.68
N ASN D 2 -1.75 3.33 -33.67
CA ASN D 2 -1.18 4.26 -32.71
C ASN D 2 -2.28 4.52 -31.71
N LEU D 3 -1.98 4.37 -30.45
CA LEU D 3 -3.03 4.35 -29.43
C LEU D 3 -3.40 5.76 -29.06
N GLU D 4 -4.61 5.87 -28.55
CA GLU D 4 -5.11 7.10 -27.99
C GLU D 4 -4.22 7.63 -26.85
N ARG D 5 -4.23 8.96 -26.71
CA ARG D 5 -3.51 9.68 -25.66
C ARG D 5 -4.44 10.66 -24.94
N THR D 6 -4.09 10.92 -23.67
CA THR D 6 -4.81 11.86 -22.86
C THR D 6 -3.83 12.74 -22.13
N PHE D 7 -4.28 13.95 -21.79
CA PHE D 7 -3.53 14.90 -20.98
C PHE D 7 -4.05 14.82 -19.56
N ILE D 8 -3.12 14.54 -18.65
CA ILE D 8 -3.41 14.53 -17.20
C ILE D 8 -2.52 15.56 -16.54
N ALA D 9 -3.11 16.43 -15.71
CA ALA D 9 -2.33 17.36 -14.91
C ALA D 9 -2.65 17.20 -13.43
N ILE D 10 -1.61 16.99 -12.64
CA ILE D 10 -1.74 17.11 -11.20
C ILE D 10 -1.68 18.54 -10.78
N LYS D 11 -2.80 19.03 -10.21
CA LYS D 11 -3.00 20.45 -9.87
C LYS D 11 -2.16 20.88 -8.65
N PRO D 12 -2.02 22.21 -8.39
CA PRO D 12 -1.17 22.65 -7.25
C PRO D 12 -1.47 21.97 -5.91
N ASP D 13 -2.75 21.76 -5.61
CA ASP D 13 -3.12 21.03 -4.42
C ASP D 13 -2.69 19.54 -4.36
N GLY D 14 -2.73 18.84 -5.48
CA GLY D 14 -2.23 17.47 -5.52
C GLY D 14 -0.73 17.35 -5.28
N VAL D 15 0.03 18.30 -5.81
CA VAL D 15 1.49 18.38 -5.52
C VAL D 15 1.75 18.71 -4.08
N GLN D 16 1.10 19.76 -3.56
CA GLN D 16 1.19 20.18 -2.20
C GLN D 16 0.85 19.12 -1.14
N ARG D 17 -0.14 18.30 -1.45
CA ARG D 17 -0.63 17.23 -0.58
C ARG D 17 0.11 15.91 -0.76
N GLY D 18 1.12 15.91 -1.61
CA GLY D 18 2.06 14.76 -1.68
C GLY D 18 1.50 13.56 -2.41
N LEU D 19 0.67 13.79 -3.44
CA LEU D 19 -0.03 12.72 -4.13
C LEU D 19 0.52 12.38 -5.48
N VAL D 20 1.68 12.94 -5.83
CA VAL D 20 2.22 12.73 -7.20
C VAL D 20 2.50 11.24 -7.45
N GLY D 21 3.22 10.60 -6.52
CA GLY D 21 3.57 9.20 -6.65
C GLY D 21 2.35 8.30 -6.72
N GLU D 22 1.42 8.52 -5.80
CA GLU D 22 0.18 7.75 -5.72
C GLU D 22 -0.56 7.81 -7.05
N ILE D 23 -0.65 9.02 -7.61
CA ILE D 23 -1.41 9.21 -8.84
C ILE D 23 -0.75 8.53 -10.01
N ILE D 24 0.58 8.73 -10.17
CA ILE D 24 1.25 8.07 -11.27
C ILE D 24 1.14 6.56 -11.15
N LYS D 25 1.31 6.05 -9.95
CA LYS D 25 1.17 4.61 -9.73
C LYS D 25 -0.15 4.02 -10.29
N ARG D 26 -1.24 4.75 -10.13
CA ARG D 26 -2.53 4.25 -10.57
C ARG D 26 -2.59 4.13 -12.06
N PHE D 27 -1.91 5.03 -12.76
CA PHE D 27 -1.86 4.99 -14.22
C PHE D 27 -0.94 3.86 -14.70
N GLU D 28 0.23 3.73 -14.07
CA GLU D 28 1.18 2.67 -14.40
C GLU D 28 0.57 1.27 -14.17
N GLN D 29 -0.10 1.09 -13.04
CA GLN D 29 -0.62 -0.23 -12.65
C GLN D 29 -1.79 -0.65 -13.54
N LYS D 30 -2.44 0.30 -14.15
CA LYS D 30 -3.58 0.04 -15.07
C LYS D 30 -3.12 -0.51 -16.39
N GLY D 31 -1.88 -0.16 -16.75
CA GLY D 31 -1.29 -0.61 -17.99
C GLY D 31 -1.15 0.48 -19.04
N PHE D 32 -1.39 1.71 -18.63
CA PHE D 32 -1.13 2.84 -19.53
C PHE D 32 0.36 3.17 -19.62
N ARG D 33 0.75 3.77 -20.74
CA ARG D 33 2.11 4.11 -21.02
C ARG D 33 2.32 5.59 -20.88
N LEU D 34 3.32 5.95 -20.07
CA LEU D 34 3.68 7.32 -19.88
C LEU D 34 4.42 7.75 -21.13
N VAL D 35 3.88 8.78 -21.79
CA VAL D 35 4.46 9.36 -23.01
C VAL D 35 5.29 10.62 -22.75
N ALA D 36 4.84 11.45 -21.81
CA ALA D 36 5.54 12.67 -21.50
C ALA D 36 5.23 13.13 -20.10
N MET D 37 6.13 13.92 -19.55
CA MET D 37 5.95 14.44 -18.20
C MET D 37 6.91 15.56 -17.88
N LYS D 38 6.36 16.60 -17.27
CA LYS D 38 7.15 17.72 -16.71
C LYS D 38 6.47 18.37 -15.53
N PHE D 39 7.30 18.98 -14.71
CA PHE D 39 6.91 19.71 -13.53
C PHE D 39 7.20 21.19 -13.74
N LEU D 40 6.21 22.05 -13.55
CA LEU D 40 6.40 23.46 -13.81
C LEU D 40 5.35 24.25 -13.07
N ARG D 41 5.66 25.52 -12.89
CA ARG D 41 4.65 26.48 -12.52
C ARG D 41 4.17 27.09 -13.81
N ALA D 42 2.94 26.77 -14.19
CA ALA D 42 2.36 27.27 -15.42
C ALA D 42 2.14 28.76 -15.30
N SER D 43 2.66 29.51 -16.28
CA SER D 43 2.44 30.97 -16.23
C SER D 43 0.96 31.30 -16.37
N GLU D 44 0.57 32.44 -15.84
CA GLU D 44 -0.79 32.92 -16.06
C GLU D 44 -1.18 32.95 -17.54
N GLU D 45 -0.25 33.37 -18.41
CA GLU D 45 -0.54 33.38 -19.86
C GLU D 45 -0.83 32.00 -20.42
N HIS D 46 0.04 31.03 -20.07
CA HIS D 46 -0.15 29.64 -20.45
C HIS D 46 -1.53 29.14 -19.93
N LEU D 47 -1.87 29.43 -18.70
CA LEU D 47 -3.17 28.99 -18.15
C LEU D 47 -4.36 29.68 -18.85
N LYS D 48 -4.23 30.97 -19.15
CA LYS D 48 -5.27 31.66 -19.93
C LYS D 48 -5.54 30.96 -21.25
N GLN D 49 -4.50 30.43 -21.89
CA GLN D 49 -4.64 29.71 -23.13
C GLN D 49 -5.26 28.34 -22.89
N HIS D 50 -4.81 27.64 -21.83
CA HIS D 50 -5.43 26.34 -21.49
C HIS D 50 -6.93 26.47 -21.26
N TYR D 51 -7.30 27.51 -20.52
CA TYR D 51 -8.72 27.78 -20.19
C TYR D 51 -9.43 28.82 -21.10
N ILE D 52 -8.97 28.94 -22.33
CA ILE D 52 -9.40 30.05 -23.22
C ILE D 52 -10.92 30.06 -23.44
N ASP D 53 -11.49 28.87 -23.43
CA ASP D 53 -12.94 28.74 -23.60
C ASP D 53 -13.71 29.30 -22.43
N LEU D 54 -13.04 29.54 -21.32
CA LEU D 54 -13.62 30.09 -20.14
C LEU D 54 -13.20 31.56 -19.87
N LYS D 55 -12.57 32.22 -20.84
CA LYS D 55 -11.98 33.56 -20.59
C LYS D 55 -12.99 34.61 -20.16
N ASP D 56 -14.28 34.37 -20.49
CA ASP D 56 -15.37 35.33 -20.19
C ASP D 56 -16.25 34.94 -19.00
N ARG D 57 -15.86 33.88 -18.30
CA ARG D 57 -16.58 33.52 -17.09
C ARG D 57 -16.08 34.29 -15.85
N PRO D 58 -16.98 34.54 -14.89
CA PRO D 58 -16.59 35.34 -13.74
C PRO D 58 -15.50 34.73 -12.86
N PHE D 59 -15.43 33.41 -12.83
CA PHE D 59 -14.41 32.67 -12.08
C PHE D 59 -13.01 32.63 -12.75
N PHE D 60 -12.91 32.99 -14.02
CA PHE D 60 -11.65 32.81 -14.78
C PHE D 60 -10.40 33.43 -14.16
N PRO D 61 -10.44 34.72 -13.78
CA PRO D 61 -9.23 35.28 -13.08
C PRO D 61 -8.78 34.49 -11.83
N GLY D 62 -9.72 34.11 -11.00
CA GLY D 62 -9.43 33.37 -9.79
C GLY D 62 -8.89 31.98 -10.07
N LEU D 63 -9.46 31.32 -11.09
CA LEU D 63 -9.02 29.99 -11.54
C LEU D 63 -7.55 30.02 -11.98
N VAL D 64 -7.25 30.98 -12.86
CA VAL D 64 -5.89 31.18 -13.35
C VAL D 64 -4.91 31.50 -12.21
N LYS D 65 -5.32 32.36 -11.30
CA LYS D 65 -4.45 32.73 -10.20
C LYS D 65 -4.14 31.50 -9.34
N TYR D 66 -5.20 30.77 -9.01
CA TYR D 66 -5.08 29.54 -8.25
C TYR D 66 -4.17 28.51 -8.94
N MET D 67 -4.44 28.26 -10.21
CA MET D 67 -3.66 27.29 -10.97
C MET D 67 -2.18 27.69 -11.15
N ASN D 68 -1.89 28.97 -10.91
CA ASN D 68 -0.52 29.50 -10.97
C ASN D 68 0.15 29.56 -9.58
N SER D 69 -0.59 29.20 -8.52
CA SER D 69 -0.15 29.33 -7.12
C SER D 69 0.78 28.24 -6.58
N GLY D 70 1.06 27.26 -7.43
CA GLY D 70 2.04 26.21 -7.12
C GLY D 70 2.32 25.51 -8.42
N PRO D 71 3.34 24.64 -8.45
CA PRO D 71 3.62 23.81 -9.62
C PRO D 71 2.60 22.71 -9.85
N VAL D 72 2.41 22.36 -11.11
CA VAL D 72 1.67 21.22 -11.55
C VAL D 72 2.61 20.16 -12.14
N VAL D 73 2.13 18.92 -12.16
CA VAL D 73 2.77 17.87 -12.93
C VAL D 73 1.91 17.66 -14.17
N ALA D 74 2.48 17.95 -15.34
CA ALA D 74 1.81 17.75 -16.60
C ALA D 74 2.27 16.45 -17.24
N MET D 75 1.32 15.64 -17.70
CA MET D 75 1.58 14.31 -18.23
C MET D 75 0.76 13.99 -19.46
N VAL D 76 1.32 13.14 -20.29
CA VAL D 76 0.57 12.50 -21.40
C VAL D 76 0.64 10.98 -21.21
N TRP D 77 -0.53 10.32 -21.25
CA TRP D 77 -0.61 8.87 -21.11
C TRP D 77 -1.27 8.28 -22.31
N GLU D 78 -0.81 7.11 -22.70
CA GLU D 78 -1.28 6.38 -23.86
C GLU D 78 -1.98 5.10 -23.49
N GLY D 79 -3.08 4.87 -24.14
CA GLY D 79 -3.70 3.55 -24.14
C GLY D 79 -5.08 3.51 -24.76
N LEU D 80 -5.59 2.31 -24.97
CA LEU D 80 -6.92 2.14 -25.54
C LEU D 80 -7.91 2.87 -24.64
N ASN D 81 -8.75 3.71 -25.25
CA ASN D 81 -9.75 4.49 -24.53
C ASN D 81 -9.22 5.28 -23.34
N VAL D 82 -7.97 5.69 -23.39
CA VAL D 82 -7.36 6.30 -22.19
C VAL D 82 -8.06 7.61 -21.83
N VAL D 83 -8.61 8.36 -22.78
CA VAL D 83 -9.33 9.56 -22.43
C VAL D 83 -10.53 9.26 -21.49
N LYS D 84 -11.44 8.40 -21.92
CA LYS D 84 -12.63 8.11 -21.09
C LYS D 84 -12.29 7.33 -19.82
N THR D 85 -11.40 6.37 -19.96
CA THR D 85 -11.06 5.49 -18.86
C THR D 85 -10.23 6.28 -17.84
N GLY D 86 -9.34 7.14 -18.34
CA GLY D 86 -8.60 8.02 -17.44
C GLY D 86 -9.56 8.87 -16.65
N ALA D 87 -10.59 9.37 -17.30
CA ALA D 87 -11.55 10.21 -16.62
C ALA D 87 -12.30 9.45 -15.50
N VAL D 88 -12.65 8.21 -15.79
CA VAL D 88 -13.25 7.33 -14.77
C VAL D 88 -12.34 7.09 -13.58
N MET D 89 -11.05 6.92 -13.85
N MET D 89 -11.06 6.86 -13.86
CA MET D 89 -10.08 6.69 -12.79
CA MET D 89 -10.04 6.67 -12.83
C MET D 89 -9.88 7.88 -11.91
C MET D 89 -9.95 7.87 -11.92
N LEU D 90 -9.93 9.05 -12.53
CA LEU D 90 -9.95 10.29 -11.77
C LEU D 90 -11.20 10.47 -10.91
N GLY D 91 -12.34 10.09 -11.44
CA GLY D 91 -13.60 10.17 -10.73
C GLY D 91 -14.36 11.35 -11.25
N GLU D 92 -15.50 11.65 -10.67
CA GLU D 92 -16.29 12.79 -11.08
C GLU D 92 -15.50 14.05 -10.75
N THR D 93 -15.70 15.09 -11.54
CA THR D 93 -14.96 16.32 -11.32
C THR D 93 -15.27 16.94 -9.95
N ASN D 94 -16.51 16.76 -9.47
CA ASN D 94 -16.83 17.16 -8.12
C ASN D 94 -16.49 16.02 -7.20
N PRO D 95 -15.48 16.20 -6.32
CA PRO D 95 -15.11 15.09 -5.43
C PRO D 95 -16.25 14.59 -4.54
N ALA D 96 -17.19 15.48 -4.20
CA ALA D 96 -18.39 15.08 -3.43
C ALA D 96 -19.15 13.90 -4.07
N ASP D 97 -19.08 13.83 -5.39
CA ASP D 97 -19.73 12.77 -6.15
C ASP D 97 -18.81 11.63 -6.58
N SER D 98 -17.51 11.81 -6.37
CA SER D 98 -16.53 10.83 -6.90
C SER D 98 -16.53 9.60 -6.02
N LYS D 99 -16.45 8.40 -6.63
CA LYS D 99 -16.61 7.18 -5.83
C LYS D 99 -15.29 6.77 -5.15
N PRO D 100 -15.38 6.16 -3.97
CA PRO D 100 -14.22 5.54 -3.36
C PRO D 100 -13.59 4.66 -4.38
N GLY D 101 -12.28 4.65 -4.44
CA GLY D 101 -11.55 3.91 -5.46
C GLY D 101 -10.97 4.77 -6.58
N THR D 102 -11.63 5.91 -6.82
CA THR D 102 -11.13 6.87 -7.79
C THR D 102 -10.11 7.80 -7.09
N ILE D 103 -9.32 8.49 -7.90
CA ILE D 103 -8.35 9.45 -7.40
C ILE D 103 -9.02 10.57 -6.57
N ARG D 104 -9.99 11.26 -7.13
CA ARG D 104 -10.62 12.36 -6.38
C ARG D 104 -11.47 11.80 -5.21
N GLY D 105 -12.07 10.67 -5.42
CA GLY D 105 -12.85 9.99 -4.39
C GLY D 105 -12.03 9.64 -3.14
N ASP D 106 -10.82 9.18 -3.35
CA ASP D 106 -9.95 8.78 -2.30
C ASP D 106 -9.25 9.93 -1.62
N PHE D 107 -8.93 10.97 -2.38
CA PHE D 107 -7.93 11.93 -1.92
C PHE D 107 -8.31 13.40 -1.78
N CYS D 108 -9.53 13.78 -2.08
CA CYS D 108 -9.91 15.16 -1.93
C CYS D 108 -11.41 15.36 -1.66
N ILE D 109 -11.78 16.59 -1.33
CA ILE D 109 -13.09 16.85 -0.75
C ILE D 109 -13.92 17.83 -1.59
N GLN D 110 -13.31 18.94 -2.04
CA GLN D 110 -14.07 20.05 -2.57
C GLN D 110 -13.70 20.40 -4.02
N VAL D 111 -14.71 20.71 -4.84
CA VAL D 111 -14.47 20.80 -6.32
C VAL D 111 -13.41 21.87 -6.68
N GLY D 112 -13.32 22.95 -5.89
CA GLY D 112 -12.29 23.98 -6.10
C GLY D 112 -10.89 23.56 -5.78
N ARG D 113 -10.77 22.40 -5.11
CA ARG D 113 -9.47 21.82 -4.74
C ARG D 113 -9.56 20.32 -5.07
N ASN D 114 -9.64 20.03 -6.35
CA ASN D 114 -9.97 18.68 -6.81
C ASN D 114 -8.79 17.94 -7.44
N ILE D 115 -7.59 18.37 -7.08
CA ILE D 115 -6.27 17.73 -7.25
C ILE D 115 -5.73 17.38 -8.64
N ILE D 116 -6.57 17.26 -9.63
CA ILE D 116 -6.19 16.64 -10.93
C ILE D 116 -7.18 17.04 -12.01
N HIS D 117 -6.63 17.14 -13.23
CA HIS D 117 -7.34 17.39 -14.48
C HIS D 117 -7.05 16.22 -15.41
N GLY D 118 -8.07 15.77 -16.11
CA GLY D 118 -7.86 14.90 -17.28
C GLY D 118 -8.65 15.45 -18.50
N SER D 119 -8.17 15.23 -19.70
CA SER D 119 -8.88 15.68 -20.92
C SER D 119 -10.31 15.08 -20.90
N ASP D 120 -11.28 15.89 -21.32
CA ASP D 120 -12.66 15.38 -21.41
C ASP D 120 -13.04 14.78 -22.79
N SER D 121 -12.17 14.88 -23.78
CA SER D 121 -12.47 14.26 -25.10
C SER D 121 -11.20 14.06 -25.85
N VAL D 122 -11.23 13.29 -26.94
CA VAL D 122 -9.99 13.12 -27.75
C VAL D 122 -9.54 14.47 -28.36
N LYS D 123 -10.53 15.23 -28.89
N LYS D 123 -10.49 15.25 -28.87
CA LYS D 123 -10.36 16.63 -29.34
CA LYS D 123 -10.12 16.55 -29.40
C LYS D 123 -9.59 17.48 -28.33
C LYS D 123 -9.55 17.50 -28.32
N SER D 124 -10.13 17.53 -27.12
CA SER D 124 -9.53 18.30 -26.03
C SER D 124 -8.14 17.78 -25.70
N ALA D 125 -8.00 16.46 -25.70
CA ALA D 125 -6.72 15.84 -25.42
C ALA D 125 -5.66 16.33 -26.39
N GLU D 126 -5.92 16.28 -27.69
CA GLU D 126 -4.90 16.67 -28.65
C GLU D 126 -4.55 18.17 -28.55
N LYS D 127 -5.58 19.00 -28.33
N LYS D 127 -5.55 18.99 -28.32
CA LYS D 127 -5.46 20.44 -28.01
CA LYS D 127 -5.35 20.40 -28.08
C LYS D 127 -4.51 20.65 -26.82
C LYS D 127 -4.49 20.66 -26.82
N GLU D 128 -4.79 19.97 -25.71
CA GLU D 128 -4.02 20.09 -24.48
C GLU D 128 -2.56 19.58 -24.67
N ILE D 129 -2.39 18.48 -25.38
CA ILE D 129 -1.03 17.89 -25.59
C ILE D 129 -0.20 18.92 -26.36
N SER D 130 -0.78 19.44 -27.41
CA SER D 130 -0.04 20.41 -28.25
C SER D 130 0.30 21.71 -27.52
N LEU D 131 -0.55 22.13 -26.61
CA LEU D 131 -0.31 23.32 -25.82
C LEU D 131 0.76 23.13 -24.76
N TRP D 132 0.64 22.07 -23.97
CA TRP D 132 1.55 21.86 -22.85
C TRP D 132 2.93 21.25 -23.19
N PHE D 133 3.05 20.59 -24.33
CA PHE D 133 4.28 19.88 -24.70
C PHE D 133 4.72 20.23 -26.13
N LYS D 134 6.04 20.23 -26.32
CA LYS D 134 6.67 20.29 -27.64
C LYS D 134 6.56 18.88 -28.20
N PRO D 135 6.45 18.72 -29.53
CA PRO D 135 6.25 17.33 -30.00
C PRO D 135 7.40 16.38 -29.69
N GLU D 136 8.60 16.93 -29.58
CA GLU D 136 9.79 16.19 -29.21
C GLU D 136 9.88 15.84 -27.71
N GLU D 137 8.98 16.37 -26.89
CA GLU D 137 8.92 15.98 -25.46
C GLU D 137 8.04 14.77 -25.25
N LEU D 138 7.43 14.31 -26.34
CA LEU D 138 6.61 13.14 -26.32
C LEU D 138 7.47 11.93 -26.73
N VAL D 139 7.66 10.99 -25.82
CA VAL D 139 8.61 9.90 -26.09
C VAL D 139 7.93 8.64 -26.61
N ASP D 140 8.48 8.13 -27.71
CA ASP D 140 8.09 6.86 -28.26
C ASP D 140 8.91 5.64 -27.81
N TYR D 141 8.22 4.67 -27.22
CA TYR D 141 8.85 3.42 -26.82
C TYR D 141 7.76 2.35 -26.63
N LYS D 142 8.15 1.09 -26.59
CA LYS D 142 7.20 -0.01 -26.41
C LYS D 142 7.37 -0.56 -25.02
N SER D 143 6.26 -0.61 -24.28
N SER D 143 6.27 -0.59 -24.26
CA SER D 143 6.22 -1.18 -22.95
CA SER D 143 6.29 -1.20 -22.93
C SER D 143 6.56 -2.66 -23.00
C SER D 143 6.61 -2.66 -23.04
N CYS D 144 7.47 -3.14 -22.17
CA CYS D 144 7.79 -4.59 -22.12
C CYS D 144 6.61 -5.50 -21.93
N ALA D 145 5.53 -4.99 -21.31
CA ALA D 145 4.32 -5.77 -21.06
C ALA D 145 3.21 -5.54 -22.08
N HIS D 146 3.51 -4.86 -23.18
CA HIS D 146 2.49 -4.47 -24.14
C HIS D 146 1.67 -5.66 -24.63
N ASP D 147 2.32 -6.76 -24.96
CA ASP D 147 1.62 -7.92 -25.48
C ASP D 147 0.85 -8.73 -24.42
N TRP D 148 1.01 -8.35 -23.14
CA TRP D 148 0.20 -8.90 -22.03
C TRP D 148 -0.95 -7.97 -21.65
N VAL D 149 -0.87 -6.73 -22.12
CA VAL D 149 -1.95 -5.75 -21.92
C VAL D 149 -2.91 -5.72 -23.15
N TYR D 150 -2.37 -6.00 -24.35
CA TYR D 150 -3.12 -5.94 -25.59
C TYR D 150 -2.98 -7.23 -26.39
N GLU D 151 -4.10 -7.69 -26.93
CA GLU D 151 -4.04 -8.81 -27.82
C GLU D 151 -3.66 -8.34 -29.24
N ALA E 1 -24.92 -19.95 1.44
CA ALA E 1 -24.53 -20.02 2.88
C ALA E 1 -23.00 -19.92 3.03
N ASN E 2 -22.50 -19.99 4.27
CA ASN E 2 -21.09 -19.59 4.53
C ASN E 2 -19.99 -20.48 3.96
N LEU E 3 -20.36 -21.66 3.46
CA LEU E 3 -19.41 -22.63 2.90
C LEU E 3 -19.42 -22.67 1.37
N GLU E 4 -20.09 -21.71 0.72
CA GLU E 4 -20.04 -21.58 -0.72
C GLU E 4 -18.57 -21.41 -1.12
N ARG E 5 -18.25 -21.96 -2.28
CA ARG E 5 -16.91 -21.88 -2.89
C ARG E 5 -17.02 -21.32 -4.30
N THR E 6 -15.98 -20.59 -4.69
CA THR E 6 -15.81 -20.15 -6.04
C THR E 6 -14.40 -20.54 -6.55
N PHE E 7 -14.30 -20.65 -7.87
CA PHE E 7 -13.05 -20.82 -8.62
C PHE E 7 -12.59 -19.49 -9.19
N ILE E 8 -11.36 -19.14 -8.88
CA ILE E 8 -10.68 -17.92 -9.36
C ILE E 8 -9.37 -18.34 -10.01
N ALA E 9 -9.17 -17.92 -11.24
CA ALA E 9 -7.90 -18.14 -11.95
C ALA E 9 -7.30 -16.81 -12.38
N ILE E 10 -6.04 -16.63 -12.08
CA ILE E 10 -5.30 -15.46 -12.50
C ILE E 10 -4.70 -15.92 -13.83
N LYS E 11 -5.14 -15.26 -14.87
CA LYS E 11 -4.74 -15.55 -16.25
C LYS E 11 -3.28 -15.25 -16.53
N PRO E 12 -2.77 -15.73 -17.68
CA PRO E 12 -1.31 -15.56 -17.94
C PRO E 12 -0.80 -14.13 -17.88
N ASP E 13 -1.63 -13.19 -18.33
CA ASP E 13 -1.32 -11.78 -18.26
C ASP E 13 -1.19 -11.26 -16.82
N GLY E 14 -2.03 -11.79 -15.94
CA GLY E 14 -2.03 -11.39 -14.55
C GLY E 14 -0.73 -11.85 -13.90
N VAL E 15 -0.29 -13.05 -14.24
CA VAL E 15 1.00 -13.57 -13.72
C VAL E 15 2.16 -12.76 -14.31
N GLN E 16 2.14 -12.58 -15.62
CA GLN E 16 3.21 -11.84 -16.33
C GLN E 16 3.41 -10.42 -15.85
N ARG E 17 2.30 -9.78 -15.46
CA ARG E 17 2.33 -8.39 -15.04
C ARG E 17 2.51 -8.24 -13.54
N GLY E 18 2.80 -9.34 -12.83
CA GLY E 18 3.16 -9.31 -11.41
C GLY E 18 2.01 -8.94 -10.50
N LEU E 19 0.81 -9.42 -10.81
CA LEU E 19 -0.33 -9.08 -10.00
C LEU E 19 -0.81 -10.22 -9.10
N VAL E 20 -0.04 -11.27 -8.95
CA VAL E 20 -0.51 -12.44 -8.13
C VAL E 20 -0.75 -12.06 -6.66
N GLY E 21 0.27 -11.45 -6.02
CA GLY E 21 0.15 -11.01 -4.62
C GLY E 21 -0.99 -10.04 -4.38
N GLU E 22 -1.08 -9.02 -5.24
CA GLU E 22 -2.14 -8.02 -5.16
C GLU E 22 -3.52 -8.67 -5.18
N ILE E 23 -3.72 -9.57 -6.10
CA ILE E 23 -5.02 -10.26 -6.23
C ILE E 23 -5.35 -11.09 -4.98
N ILE E 24 -4.39 -11.88 -4.52
CA ILE E 24 -4.62 -12.78 -3.41
C ILE E 24 -4.90 -11.90 -2.16
N LYS E 25 -4.18 -10.79 -2.02
CA LYS E 25 -4.40 -9.93 -0.89
C LYS E 25 -5.85 -9.39 -0.82
N ARG E 26 -6.44 -9.08 -1.96
CA ARG E 26 -7.79 -8.58 -2.01
C ARG E 26 -8.83 -9.60 -1.51
N PHE E 27 -8.60 -10.85 -1.86
CA PHE E 27 -9.43 -11.92 -1.36
C PHE E 27 -9.17 -12.18 0.14
N GLU E 28 -7.92 -12.22 0.58
CA GLU E 28 -7.62 -12.42 2.00
C GLU E 28 -8.25 -11.33 2.89
N GLN E 29 -8.07 -10.06 2.49
CA GLN E 29 -8.51 -8.92 3.31
C GLN E 29 -10.03 -8.84 3.38
N LYS E 30 -10.71 -9.36 2.38
CA LYS E 30 -12.19 -9.39 2.35
C LYS E 30 -12.76 -10.32 3.43
N GLY E 31 -11.97 -11.32 3.81
CA GLY E 31 -12.34 -12.30 4.80
C GLY E 31 -12.68 -13.67 4.23
N PHE E 32 -12.37 -13.87 2.95
CA PHE E 32 -12.62 -15.15 2.32
C PHE E 32 -11.51 -16.14 2.69
N ARG E 33 -11.81 -17.43 2.67
CA ARG E 33 -10.81 -18.44 3.08
C ARG E 33 -10.24 -19.08 1.85
N LEU E 34 -8.91 -19.10 1.74
CA LEU E 34 -8.25 -19.83 0.67
C LEU E 34 -8.38 -21.33 0.95
N VAL E 35 -9.00 -22.03 0.02
CA VAL E 35 -9.19 -23.46 0.14
C VAL E 35 -8.13 -24.26 -0.63
N ALA E 36 -7.77 -23.82 -1.84
CA ALA E 36 -6.87 -24.55 -2.74
C ALA E 36 -6.16 -23.55 -3.63
N MET E 37 -4.92 -23.87 -4.00
CA MET E 37 -4.18 -23.06 -4.94
C MET E 37 -3.06 -23.89 -5.58
N LYS E 38 -2.92 -23.74 -6.89
CA LYS E 38 -1.82 -24.30 -7.66
C LYS E 38 -1.45 -23.35 -8.78
N PHE E 39 -0.33 -23.63 -9.42
CA PHE E 39 0.27 -22.75 -10.40
C PHE E 39 0.69 -23.74 -11.47
N LEU E 40 0.16 -23.54 -12.65
CA LEU E 40 0.45 -24.41 -13.78
C LEU E 40 0.34 -23.71 -15.11
N ARG E 41 0.90 -24.35 -16.15
CA ARG E 41 0.61 -24.00 -17.53
C ARG E 41 -0.47 -25.02 -17.93
N ALA E 42 -1.65 -24.49 -18.19
CA ALA E 42 -2.78 -25.34 -18.51
C ALA E 42 -2.57 -25.77 -19.96
N SER E 43 -2.69 -27.07 -20.22
CA SER E 43 -2.55 -27.56 -21.60
C SER E 43 -3.72 -27.11 -22.47
N GLU E 44 -3.48 -27.14 -23.78
CA GLU E 44 -4.54 -26.92 -24.76
C GLU E 44 -5.68 -27.90 -24.52
N GLU E 45 -5.37 -29.15 -24.12
CA GLU E 45 -6.40 -30.13 -23.87
C GLU E 45 -7.27 -29.78 -22.62
N HIS E 46 -6.60 -29.31 -21.56
CA HIS E 46 -7.29 -28.88 -20.34
C HIS E 46 -8.17 -27.67 -20.63
N LEU E 47 -7.63 -26.71 -21.37
CA LEU E 47 -8.38 -25.50 -21.66
C LEU E 47 -9.57 -25.77 -22.61
N LYS E 48 -9.38 -26.68 -23.56
CA LYS E 48 -10.50 -27.16 -24.38
C LYS E 48 -11.66 -27.74 -23.55
N GLN E 49 -11.34 -28.39 -22.44
CA GLN E 49 -12.39 -28.93 -21.55
C GLN E 49 -13.02 -27.79 -20.73
N HIS E 50 -12.17 -26.90 -20.24
CA HIS E 50 -12.65 -25.74 -19.53
C HIS E 50 -13.57 -24.84 -20.39
N TYR E 51 -13.20 -24.64 -21.65
CA TYR E 51 -14.04 -23.85 -22.55
C TYR E 51 -14.82 -24.73 -23.56
N ILE E 52 -15.13 -25.94 -23.14
CA ILE E 52 -15.75 -26.94 -24.07
C ILE E 52 -16.99 -26.38 -24.77
N ASP E 53 -17.73 -25.56 -24.03
CA ASP E 53 -18.99 -25.02 -24.55
C ASP E 53 -18.73 -24.09 -25.72
N LEU E 54 -17.52 -23.53 -25.80
CA LEU E 54 -17.18 -22.60 -26.85
C LEU E 54 -16.40 -23.20 -28.02
N LYS E 55 -16.29 -24.54 -28.07
CA LYS E 55 -15.39 -25.19 -29.02
C LYS E 55 -15.64 -24.89 -30.50
N ASP E 56 -16.89 -24.59 -30.84
CA ASP E 56 -17.25 -24.28 -32.23
C ASP E 56 -17.22 -22.81 -32.60
N ARG E 57 -16.83 -21.93 -31.66
CA ARG E 57 -16.70 -20.48 -31.98
C ARG E 57 -15.37 -20.15 -32.69
N PRO E 58 -15.37 -19.10 -33.53
CA PRO E 58 -14.21 -18.70 -34.36
C PRO E 58 -13.03 -18.19 -33.51
N PHE E 59 -13.35 -17.63 -32.35
CA PHE E 59 -12.35 -17.09 -31.41
C PHE E 59 -11.71 -18.16 -30.49
N PHE E 60 -12.29 -19.36 -30.46
CA PHE E 60 -11.83 -20.47 -29.60
C PHE E 60 -10.34 -20.77 -29.73
N PRO E 61 -9.83 -20.95 -30.97
CA PRO E 61 -8.37 -21.12 -31.10
C PRO E 61 -7.49 -20.06 -30.41
N GLY E 62 -7.75 -18.77 -30.62
CA GLY E 62 -6.92 -17.70 -30.04
C GLY E 62 -7.11 -17.64 -28.52
N LEU E 63 -8.29 -18.01 -28.06
CA LEU E 63 -8.56 -18.09 -26.64
C LEU E 63 -7.68 -19.15 -25.97
N VAL E 64 -7.68 -20.34 -26.53
CA VAL E 64 -6.88 -21.41 -25.98
C VAL E 64 -5.40 -21.05 -26.05
N LYS E 65 -4.98 -20.43 -27.15
CA LYS E 65 -3.58 -20.02 -27.35
C LYS E 65 -3.12 -19.10 -26.25
N TYR E 66 -3.94 -18.06 -26.00
CA TYR E 66 -3.68 -17.07 -24.93
C TYR E 66 -3.60 -17.77 -23.59
N MET E 67 -4.60 -18.60 -23.29
CA MET E 67 -4.68 -19.15 -21.93
C MET E 67 -3.59 -20.19 -21.68
N ASN E 68 -3.03 -20.72 -22.76
CA ASN E 68 -1.83 -21.62 -22.70
C ASN E 68 -0.46 -20.93 -22.79
N SER E 69 -0.44 -19.62 -23.08
CA SER E 69 0.77 -18.85 -23.40
C SER E 69 1.66 -18.53 -22.19
N GLY E 70 1.13 -18.79 -21.01
CA GLY E 70 1.86 -18.56 -19.76
C GLY E 70 1.16 -19.38 -18.70
N PRO E 71 1.79 -19.48 -17.54
CA PRO E 71 1.11 -20.10 -16.43
C PRO E 71 -0.05 -19.31 -15.84
N VAL E 72 -0.96 -20.03 -15.22
CA VAL E 72 -2.03 -19.47 -14.41
C VAL E 72 -1.92 -19.86 -12.93
N VAL E 73 -2.53 -19.05 -12.07
CA VAL E 73 -2.72 -19.41 -10.67
C VAL E 73 -4.18 -19.79 -10.50
N ALA E 74 -4.44 -21.02 -10.16
CA ALA E 74 -5.81 -21.51 -10.00
C ALA E 74 -6.07 -21.55 -8.50
N MET E 75 -7.24 -21.06 -8.08
CA MET E 75 -7.59 -20.98 -6.66
C MET E 75 -9.01 -21.40 -6.41
N VAL E 76 -9.25 -21.93 -5.24
CA VAL E 76 -10.61 -22.03 -4.69
C VAL E 76 -10.72 -21.17 -3.42
N TRP E 77 -11.73 -20.29 -3.37
CA TRP E 77 -12.03 -19.43 -2.20
C TRP E 77 -13.41 -19.74 -1.64
N GLU E 78 -13.53 -19.69 -0.33
CA GLU E 78 -14.76 -19.99 0.38
C GLU E 78 -15.28 -18.81 1.15
N GLY E 79 -16.60 -18.69 1.15
CA GLY E 79 -17.25 -17.79 2.06
C GLY E 79 -18.66 -17.50 1.59
N LEU E 80 -19.40 -16.78 2.40
CA LEU E 80 -20.81 -16.44 2.07
C LEU E 80 -20.89 -15.62 0.81
N ASN E 81 -21.69 -16.12 -0.14
CA ASN E 81 -21.95 -15.47 -1.41
C ASN E 81 -20.66 -15.18 -2.21
N VAL E 82 -19.63 -16.00 -1.98
CA VAL E 82 -18.31 -15.74 -2.56
C VAL E 82 -18.40 -15.77 -4.10
N VAL E 83 -19.31 -16.55 -4.70
CA VAL E 83 -19.37 -16.54 -6.17
C VAL E 83 -19.73 -15.13 -6.68
N LYS E 84 -20.81 -14.61 -6.16
CA LYS E 84 -21.32 -13.35 -6.61
C LYS E 84 -20.41 -12.20 -6.16
N THR E 85 -20.01 -12.23 -4.90
CA THR E 85 -19.13 -11.18 -4.34
C THR E 85 -17.78 -11.20 -5.04
N GLY E 86 -17.24 -12.38 -5.23
CA GLY E 86 -15.96 -12.50 -5.98
C GLY E 86 -16.07 -11.81 -7.34
N ALA E 87 -17.17 -12.07 -8.06
CA ALA E 87 -17.44 -11.44 -9.32
C ALA E 87 -17.43 -9.91 -9.26
N VAL E 88 -18.00 -9.38 -8.21
CA VAL E 88 -18.06 -7.93 -8.02
C VAL E 88 -16.67 -7.37 -7.79
N MET E 89 -15.92 -8.11 -6.98
CA MET E 89 -14.53 -7.77 -6.71
C MET E 89 -13.68 -7.72 -7.95
N LEU E 90 -13.92 -8.64 -8.87
CA LEU E 90 -13.16 -8.71 -10.13
C LEU E 90 -13.51 -7.59 -11.11
N GLY E 91 -14.79 -7.19 -11.12
CA GLY E 91 -15.25 -6.11 -12.00
C GLY E 91 -16.00 -6.76 -13.16
N GLU E 92 -16.39 -5.98 -14.14
CA GLU E 92 -17.07 -6.54 -15.27
C GLU E 92 -16.05 -7.27 -16.15
N THR E 93 -16.55 -8.15 -17.02
CA THR E 93 -15.68 -8.97 -17.88
C THR E 93 -14.83 -8.07 -18.76
N ASN E 94 -15.42 -6.96 -19.23
CA ASN E 94 -14.67 -6.01 -20.02
C ASN E 94 -14.06 -4.99 -19.06
N PRO E 95 -12.70 -4.89 -18.99
CA PRO E 95 -12.07 -3.91 -18.10
C PRO E 95 -12.55 -2.49 -18.31
N ALA E 96 -13.00 -2.16 -19.51
CA ALA E 96 -13.56 -0.82 -19.85
C ALA E 96 -14.80 -0.45 -19.06
N ASP E 97 -15.55 -1.47 -18.66
CA ASP E 97 -16.74 -1.35 -17.82
C ASP E 97 -16.54 -1.58 -16.34
N SER E 98 -15.31 -1.91 -15.95
CA SER E 98 -15.02 -2.28 -14.60
C SER E 98 -14.68 -1.02 -13.83
N LYS E 99 -15.24 -0.90 -12.63
CA LYS E 99 -15.10 0.31 -11.85
C LYS E 99 -13.71 0.33 -11.15
N PRO E 100 -13.14 1.53 -10.95
CA PRO E 100 -11.98 1.64 -10.06
C PRO E 100 -12.29 1.02 -8.70
N GLY E 101 -11.30 0.36 -8.10
CA GLY E 101 -11.46 -0.39 -6.85
C GLY E 101 -11.63 -1.87 -7.14
N THR E 102 -12.06 -2.20 -8.34
CA THR E 102 -12.14 -3.63 -8.77
C THR E 102 -10.80 -4.05 -9.34
N ILE E 103 -10.59 -5.34 -9.37
CA ILE E 103 -9.34 -5.88 -9.89
C ILE E 103 -9.12 -5.50 -11.36
N ARG E 104 -10.10 -5.77 -12.22
CA ARG E 104 -9.97 -5.45 -13.63
C ARG E 104 -9.98 -3.94 -13.83
N GLY E 105 -10.74 -3.21 -13.01
CA GLY E 105 -10.80 -1.73 -13.09
C GLY E 105 -9.47 -1.09 -12.77
N ASP E 106 -8.78 -1.64 -11.79
CA ASP E 106 -7.55 -1.06 -11.31
C ASP E 106 -6.37 -1.49 -12.23
N PHE E 107 -6.41 -2.69 -12.80
CA PHE E 107 -5.16 -3.29 -13.32
C PHE E 107 -5.13 -3.70 -14.75
N CYS E 108 -6.20 -3.52 -15.51
CA CYS E 108 -6.11 -3.87 -16.91
C CYS E 108 -7.07 -3.10 -17.82
N ILE E 109 -6.94 -3.37 -19.14
CA ILE E 109 -7.46 -2.48 -20.14
C ILE E 109 -8.40 -3.13 -21.17
N GLN E 110 -8.01 -4.27 -21.74
CA GLN E 110 -8.70 -4.91 -22.86
C GLN E 110 -9.36 -6.21 -22.47
N VAL E 111 -10.52 -6.48 -23.07
CA VAL E 111 -11.24 -7.70 -22.70
C VAL E 111 -10.45 -8.97 -22.96
N GLY E 112 -9.61 -9.00 -23.97
CA GLY E 112 -8.85 -10.19 -24.32
C GLY E 112 -7.59 -10.37 -23.46
N ARG E 113 -7.36 -9.42 -22.55
CA ARG E 113 -6.25 -9.47 -21.61
C ARG E 113 -6.81 -8.93 -20.30
N ASN E 114 -7.71 -9.68 -19.71
CA ASN E 114 -8.47 -9.22 -18.58
C ASN E 114 -8.16 -9.89 -17.27
N ILE E 115 -6.90 -10.36 -17.19
CA ILE E 115 -6.11 -10.79 -16.02
C ILE E 115 -6.66 -11.87 -15.13
N ILE E 116 -7.97 -12.12 -15.08
CA ILE E 116 -8.54 -12.98 -14.04
C ILE E 116 -9.87 -13.53 -14.48
N HIS E 117 -10.19 -14.73 -14.00
CA HIS E 117 -11.47 -15.38 -14.18
C HIS E 117 -12.08 -15.71 -12.82
N GLY E 118 -13.38 -15.53 -12.65
CA GLY E 118 -14.09 -16.10 -11.55
C GLY E 118 -15.33 -16.84 -12.03
N SER E 119 -15.77 -17.82 -11.26
CA SER E 119 -16.98 -18.58 -11.63
C SER E 119 -18.17 -17.66 -11.79
N ASP E 120 -19.05 -17.99 -12.73
CA ASP E 120 -20.20 -17.13 -12.89
C ASP E 120 -21.44 -17.61 -12.12
N SER E 121 -21.38 -18.78 -11.46
CA SER E 121 -22.49 -19.30 -10.67
C SER E 121 -21.92 -20.43 -9.82
N VAL E 122 -22.72 -20.93 -8.89
CA VAL E 122 -22.35 -22.06 -8.03
C VAL E 122 -22.15 -23.32 -8.84
N LYS E 123 -23.08 -23.58 -9.77
N LYS E 123 -23.03 -23.60 -9.80
CA LYS E 123 -23.00 -24.69 -10.72
CA LYS E 123 -22.90 -24.78 -10.64
C LYS E 123 -21.65 -24.65 -11.41
C LYS E 123 -21.64 -24.70 -11.51
N SER E 124 -21.33 -23.51 -12.03
CA SER E 124 -20.09 -23.32 -12.76
C SER E 124 -18.87 -23.58 -11.86
N ALA E 125 -18.97 -23.04 -10.65
CA ALA E 125 -17.84 -23.09 -9.70
C ALA E 125 -17.53 -24.54 -9.39
N GLU E 126 -18.55 -25.33 -9.07
CA GLU E 126 -18.29 -26.73 -8.70
C GLU E 126 -17.75 -27.51 -9.89
N LYS E 127 -18.24 -27.20 -11.10
CA LYS E 127 -17.70 -27.78 -12.35
C LYS E 127 -16.23 -27.45 -12.54
N GLU E 128 -15.92 -26.18 -12.36
CA GLU E 128 -14.56 -25.71 -12.51
C GLU E 128 -13.63 -26.32 -11.44
N ILE E 129 -14.08 -26.42 -10.21
CA ILE E 129 -13.28 -26.96 -9.13
C ILE E 129 -12.97 -28.41 -9.43
N SER E 130 -13.97 -29.17 -9.89
CA SER E 130 -13.73 -30.57 -10.24
C SER E 130 -12.73 -30.74 -11.36
N LEU E 131 -12.75 -29.81 -12.31
CA LEU E 131 -11.90 -29.86 -13.46
C LEU E 131 -10.48 -29.52 -13.10
N TRP E 132 -10.31 -28.48 -12.29
CA TRP E 132 -8.98 -27.91 -12.06
C TRP E 132 -8.24 -28.51 -10.84
N PHE E 133 -8.96 -29.12 -9.93
CA PHE E 133 -8.39 -29.63 -8.66
C PHE E 133 -8.83 -31.09 -8.43
N LYS E 134 -7.97 -31.89 -7.81
CA LYS E 134 -8.37 -33.13 -7.17
C LYS E 134 -9.04 -32.78 -5.84
N PRO E 135 -10.02 -33.57 -5.40
CA PRO E 135 -10.67 -33.22 -4.12
C PRO E 135 -9.71 -33.08 -2.92
N GLU E 136 -8.68 -33.90 -2.87
CA GLU E 136 -7.71 -33.86 -1.78
C GLU E 136 -6.82 -32.61 -1.82
N GLU E 137 -6.86 -31.85 -2.90
CA GLU E 137 -6.21 -30.52 -2.97
C GLU E 137 -6.98 -29.39 -2.28
N LEU E 138 -8.26 -29.65 -1.93
CA LEU E 138 -9.06 -28.65 -1.18
C LEU E 138 -8.86 -28.85 0.29
N VAL E 139 -8.23 -27.86 0.93
CA VAL E 139 -7.82 -27.95 2.33
C VAL E 139 -8.85 -27.48 3.32
N ASP E 140 -9.20 -28.35 4.29
CA ASP E 140 -10.11 -27.96 5.36
C ASP E 140 -9.36 -27.45 6.59
N TYR E 141 -9.61 -26.18 6.95
CA TYR E 141 -9.09 -25.56 8.15
C TYR E 141 -9.99 -24.38 8.46
N LYS E 142 -9.88 -23.87 9.69
CA LYS E 142 -10.69 -22.77 10.19
C LYS E 142 -9.84 -21.54 10.39
N SER E 143 -10.32 -20.43 9.85
N SER E 143 -10.31 -20.42 9.85
CA SER E 143 -9.67 -19.13 9.92
CA SER E 143 -9.62 -19.15 10.02
C SER E 143 -9.73 -18.61 11.36
C SER E 143 -9.70 -18.71 11.45
N CYS E 144 -8.59 -18.21 11.94
CA CYS E 144 -8.59 -17.68 13.28
C CYS E 144 -9.55 -16.52 13.45
N ALA E 145 -9.80 -15.79 12.38
CA ALA E 145 -10.69 -14.63 12.43
C ALA E 145 -12.14 -14.92 12.07
N HIS E 146 -12.49 -16.18 11.93
CA HIS E 146 -13.80 -16.61 11.40
C HIS E 146 -14.91 -15.95 12.20
N ASP E 147 -14.78 -15.99 13.52
CA ASP E 147 -15.83 -15.48 14.43
C ASP E 147 -15.93 -13.98 14.50
N TRP E 148 -15.02 -13.29 13.82
CA TRP E 148 -15.07 -11.85 13.68
C TRP E 148 -15.53 -11.42 12.26
N VAL E 149 -15.50 -12.35 11.32
CA VAL E 149 -16.10 -12.16 10.00
C VAL E 149 -17.56 -12.57 9.93
N TYR E 150 -17.93 -13.57 10.76
CA TYR E 150 -19.26 -14.17 10.67
C TYR E 150 -19.93 -14.15 12.03
N GLU E 151 -21.22 -13.84 12.01
CA GLU E 151 -22.06 -13.89 13.21
C GLU E 151 -22.26 -15.38 13.54
N ALA F 1 -18.02 26.50 4.92
CA ALA F 1 -16.93 26.78 5.90
C ALA F 1 -16.69 25.67 6.92
N ASN F 2 -17.22 24.45 6.78
CA ASN F 2 -16.44 23.23 6.49
C ASN F 2 -16.21 22.67 7.91
N LEU F 3 -17.08 23.04 8.86
CA LEU F 3 -16.97 22.61 10.21
C LEU F 3 -17.86 21.43 10.58
N GLU F 4 -18.54 20.80 9.63
CA GLU F 4 -19.35 19.67 9.98
C GLU F 4 -18.45 18.59 10.61
N ARG F 5 -19.03 17.86 11.56
CA ARG F 5 -18.37 16.70 12.23
C ARG F 5 -19.24 15.44 12.13
N THR F 6 -18.57 14.30 12.07
CA THR F 6 -19.24 13.03 12.12
C THR F 6 -18.56 12.17 13.19
N PHE F 7 -19.33 11.25 13.73
CA PHE F 7 -18.86 10.19 14.62
C PHE F 7 -18.62 8.89 13.82
N ILE F 8 -17.42 8.34 13.97
CA ILE F 8 -17.04 7.08 13.31
C ILE F 8 -16.51 6.16 14.44
N ALA F 9 -17.01 4.93 14.51
CA ALA F 9 -16.48 3.94 15.48
C ALA F 9 -16.05 2.68 14.69
N ILE F 10 -14.82 2.23 14.91
CA ILE F 10 -14.34 1.00 14.37
C ILE F 10 -14.81 -0.04 15.37
N LYS F 11 -15.63 -0.94 14.88
CA LYS F 11 -16.27 -1.98 15.66
C LYS F 11 -15.26 -3.05 16.12
N PRO F 12 -15.69 -3.91 17.05
CA PRO F 12 -14.68 -4.81 17.66
C PRO F 12 -14.05 -5.74 16.59
N ASP F 13 -14.81 -6.12 15.58
CA ASP F 13 -14.29 -6.93 14.45
C ASP F 13 -13.20 -6.18 13.64
N GLY F 14 -13.41 -4.89 13.45
CA GLY F 14 -12.36 -4.04 12.79
C GLY F 14 -11.09 -3.98 13.58
N VAL F 15 -11.20 -3.86 14.91
CA VAL F 15 -10.01 -3.89 15.77
C VAL F 15 -9.35 -5.26 15.69
N GLN F 16 -10.15 -6.31 15.86
CA GLN F 16 -9.63 -7.69 15.95
C GLN F 16 -8.93 -8.14 14.66
N ARG F 17 -9.41 -7.60 13.57
CA ARG F 17 -8.90 -7.97 12.25
C ARG F 17 -7.84 -6.99 11.77
N GLY F 18 -7.39 -6.10 12.64
CA GLY F 18 -6.15 -5.39 12.40
C GLY F 18 -6.31 -4.30 11.38
N LEU F 19 -7.47 -3.65 11.40
CA LEU F 19 -7.84 -2.64 10.38
C LEU F 19 -7.83 -1.17 10.84
N VAL F 20 -7.46 -0.91 12.08
CA VAL F 20 -7.50 0.46 12.63
C VAL F 20 -6.68 1.42 11.82
N GLY F 21 -5.43 1.04 11.50
CA GLY F 21 -4.53 1.92 10.80
C GLY F 21 -5.04 2.17 9.41
N GLU F 22 -5.41 1.09 8.73
CA GLU F 22 -5.96 1.19 7.35
C GLU F 22 -7.14 2.16 7.29
N ILE F 23 -8.08 2.03 8.25
CA ILE F 23 -9.28 2.86 8.26
C ILE F 23 -8.93 4.32 8.54
N ILE F 24 -8.11 4.57 9.55
CA ILE F 24 -7.70 5.94 9.83
C ILE F 24 -6.99 6.59 8.66
N LYS F 25 -6.13 5.83 7.98
CA LYS F 25 -5.44 6.30 6.79
C LYS F 25 -6.42 6.77 5.71
N ARG F 26 -7.52 6.05 5.54
CA ARG F 26 -8.48 6.46 4.55
C ARG F 26 -9.08 7.83 4.82
N PHE F 27 -9.40 8.08 6.10
CA PHE F 27 -9.93 9.41 6.49
C PHE F 27 -8.89 10.53 6.40
N GLU F 28 -7.65 10.26 6.80
CA GLU F 28 -6.55 11.23 6.69
C GLU F 28 -6.22 11.58 5.25
N GLN F 29 -6.11 10.56 4.41
CA GLN F 29 -5.72 10.82 3.02
C GLN F 29 -6.78 11.60 2.23
N LYS F 30 -8.03 11.43 2.65
CA LYS F 30 -9.16 12.13 2.03
C LYS F 30 -9.10 13.62 2.29
N GLY F 31 -8.53 14.05 3.42
CA GLY F 31 -8.48 15.47 3.78
C GLY F 31 -9.26 15.82 5.03
N PHE F 32 -9.92 14.83 5.66
CA PHE F 32 -10.69 15.17 6.84
C PHE F 32 -9.75 15.34 8.05
N ARG F 33 -10.20 16.09 9.04
CA ARG F 33 -9.39 16.35 10.22
C ARG F 33 -9.86 15.52 11.39
N LEU F 34 -8.93 14.81 12.03
CA LEU F 34 -9.28 14.03 13.21
C LEU F 34 -9.46 15.01 14.40
N VAL F 35 -10.65 14.99 14.97
CA VAL F 35 -10.97 15.88 16.09
C VAL F 35 -10.84 15.20 17.45
N ALA F 36 -11.24 13.94 17.54
CA ALA F 36 -11.21 13.23 18.80
C ALA F 36 -11.00 11.74 18.55
N MET F 37 -10.37 11.05 19.49
CA MET F 37 -10.19 9.60 19.36
C MET F 37 -9.90 9.00 20.73
N LYS F 38 -10.58 7.90 21.00
CA LYS F 38 -10.38 7.10 22.21
C LYS F 38 -10.67 5.63 21.91
N PHE F 39 -10.12 4.74 22.73
CA PHE F 39 -10.21 3.28 22.54
C PHE F 39 -10.77 2.70 23.84
N LEU F 40 -11.86 1.97 23.78
CA LEU F 40 -12.53 1.46 24.97
C LEU F 40 -13.43 0.28 24.64
N ARG F 41 -13.71 -0.52 25.63
CA ARG F 41 -14.78 -1.48 25.55
C ARG F 41 -16.00 -0.69 26.05
N ALA F 42 -16.93 -0.46 25.14
CA ALA F 42 -18.10 0.35 25.44
C ALA F 42 -19.05 -0.43 26.35
N SER F 43 -19.60 0.25 27.36
CA SER F 43 -20.56 -0.46 28.24
C SER F 43 -21.85 -0.80 27.53
N GLU F 44 -22.52 -1.82 28.04
CA GLU F 44 -23.83 -2.19 27.53
C GLU F 44 -24.81 -1.01 27.52
N GLU F 45 -24.82 -0.26 28.61
CA GLU F 45 -25.78 0.82 28.70
C GLU F 45 -25.46 1.92 27.70
N HIS F 46 -24.19 2.21 27.52
CA HIS F 46 -23.71 3.17 26.53
C HIS F 46 -24.13 2.75 25.10
N LEU F 47 -23.97 1.48 24.79
CA LEU F 47 -24.30 0.98 23.47
C LEU F 47 -25.81 0.98 23.22
N LYS F 48 -26.59 0.69 24.28
CA LYS F 48 -28.05 0.76 24.18
C LYS F 48 -28.49 2.22 23.89
N GLN F 49 -27.80 3.18 24.53
N GLN F 49 -27.81 3.18 24.53
CA GLN F 49 -28.03 4.60 24.27
CA GLN F 49 -28.04 4.61 24.27
C GLN F 49 -27.70 4.95 22.81
C GLN F 49 -27.73 4.88 22.79
N HIS F 50 -26.52 4.50 22.38
CA HIS F 50 -26.08 4.67 20.99
C HIS F 50 -27.09 4.15 19.99
N TYR F 51 -27.63 2.95 20.21
CA TYR F 51 -28.48 2.29 19.25
C TYR F 51 -29.95 2.35 19.69
N ILE F 52 -30.27 3.37 20.48
CA ILE F 52 -31.63 3.54 21.06
C ILE F 52 -32.72 3.44 20.02
N ASP F 53 -32.46 3.90 18.81
CA ASP F 53 -33.48 3.82 17.78
C ASP F 53 -33.78 2.37 17.30
N LEU F 54 -32.88 1.41 17.56
CA LEU F 54 -33.06 0.00 17.16
C LEU F 54 -33.54 -0.94 18.28
N LYS F 55 -33.90 -0.38 19.43
CA LYS F 55 -34.07 -1.13 20.68
C LYS F 55 -35.20 -2.14 20.61
N ASP F 56 -36.15 -1.93 19.67
CA ASP F 56 -37.28 -2.85 19.56
C ASP F 56 -37.16 -3.84 18.42
N ARG F 57 -35.96 -3.90 17.82
N ARG F 57 -35.96 -3.93 17.85
CA ARG F 57 -35.68 -4.86 16.77
CA ARG F 57 -35.71 -4.86 16.76
C ARG F 57 -35.23 -6.19 17.36
C ARG F 57 -35.19 -6.18 17.32
N PRO F 58 -35.63 -7.30 16.73
CA PRO F 58 -35.18 -8.63 17.20
C PRO F 58 -33.65 -8.80 17.27
N PHE F 59 -32.89 -8.09 16.44
CA PHE F 59 -31.41 -8.24 16.44
C PHE F 59 -30.67 -7.41 17.49
N PHE F 60 -31.40 -6.65 18.29
CA PHE F 60 -30.80 -5.61 19.10
C PHE F 60 -29.90 -6.21 20.20
N PRO F 61 -30.41 -7.21 20.95
CA PRO F 61 -29.52 -7.84 21.94
C PRO F 61 -28.23 -8.38 21.35
N GLY F 62 -28.31 -9.02 20.18
CA GLY F 62 -27.09 -9.56 19.55
C GLY F 62 -26.17 -8.46 19.10
N LEU F 63 -26.74 -7.34 18.64
CA LEU F 63 -25.92 -6.19 18.23
C LEU F 63 -25.19 -5.64 19.44
N VAL F 64 -25.89 -5.52 20.56
CA VAL F 64 -25.26 -4.93 21.75
C VAL F 64 -24.16 -5.83 22.28
N LYS F 65 -24.43 -7.14 22.26
CA LYS F 65 -23.45 -8.13 22.73
C LYS F 65 -22.18 -8.08 21.86
N TYR F 66 -22.37 -8.08 20.55
CA TYR F 66 -21.24 -7.94 19.60
C TYR F 66 -20.50 -6.62 19.79
N MET F 67 -21.22 -5.51 19.91
CA MET F 67 -20.58 -4.23 20.06
C MET F 67 -19.82 -4.08 21.39
N ASN F 68 -20.14 -4.95 22.36
CA ASN F 68 -19.41 -5.00 23.65
C ASN F 68 -18.33 -6.06 23.73
N SER F 69 -18.22 -6.91 22.70
CA SER F 69 -17.35 -8.13 22.69
C SER F 69 -15.88 -7.85 22.53
N GLY F 70 -15.53 -6.59 22.25
CA GLY F 70 -14.14 -6.15 22.24
C GLY F 70 -14.07 -4.62 22.27
N PRO F 71 -12.88 -4.07 22.32
CA PRO F 71 -12.77 -2.66 22.25
C PRO F 71 -13.10 -2.11 20.87
N VAL F 72 -13.63 -0.89 20.87
CA VAL F 72 -13.85 -0.10 19.66
C VAL F 72 -12.93 1.11 19.66
N VAL F 73 -12.70 1.65 18.46
CA VAL F 73 -12.00 2.91 18.34
C VAL F 73 -13.05 3.95 17.98
N ALA F 74 -13.28 4.91 18.88
CA ALA F 74 -14.30 5.97 18.72
C ALA F 74 -13.61 7.21 18.22
N MET F 75 -14.17 7.87 17.21
CA MET F 75 -13.53 8.99 16.59
C MET F 75 -14.55 10.04 16.20
N VAL F 76 -14.08 11.27 16.14
CA VAL F 76 -14.80 12.37 15.52
C VAL F 76 -13.87 12.90 14.42
N TRP F 77 -14.46 13.09 13.23
CA TRP F 77 -13.82 13.69 12.08
C TRP F 77 -14.57 14.91 11.59
N GLU F 78 -13.80 15.91 11.16
CA GLU F 78 -14.34 17.20 10.68
C GLU F 78 -14.08 17.40 9.21
N GLY F 79 -15.09 17.93 8.52
CA GLY F 79 -14.88 18.40 7.16
C GLY F 79 -16.17 18.67 6.43
N LEU F 80 -16.04 19.31 5.27
CA LEU F 80 -17.22 19.57 4.43
C LEU F 80 -17.97 18.28 4.08
N ASN F 81 -19.25 18.24 4.42
CA ASN F 81 -20.11 17.08 4.21
C ASN F 81 -19.54 15.78 4.70
N VAL F 82 -18.78 15.83 5.79
CA VAL F 82 -18.16 14.64 6.32
C VAL F 82 -19.18 13.56 6.69
N VAL F 83 -20.39 13.97 7.13
CA VAL F 83 -21.39 13.00 7.43
C VAL F 83 -21.74 12.16 6.21
N LYS F 84 -22.24 12.76 5.14
CA LYS F 84 -22.60 11.96 3.98
C LYS F 84 -21.44 11.35 3.25
N THR F 85 -20.34 12.06 3.18
CA THR F 85 -19.16 11.53 2.47
C THR F 85 -18.55 10.40 3.26
N GLY F 86 -18.45 10.57 4.57
CA GLY F 86 -18.03 9.44 5.40
C GLY F 86 -18.83 8.18 5.17
N ALA F 87 -20.16 8.29 5.10
CA ALA F 87 -21.03 7.19 4.82
C ALA F 87 -20.69 6.54 3.46
N VAL F 88 -20.45 7.35 2.42
CA VAL F 88 -20.01 6.82 1.10
C VAL F 88 -18.71 6.00 1.23
N MET F 89 -17.75 6.56 1.94
CA MET F 89 -16.48 5.88 2.14
C MET F 89 -16.58 4.56 2.89
N LEU F 90 -17.50 4.49 3.83
CA LEU F 90 -17.73 3.24 4.59
C LEU F 90 -18.38 2.17 3.73
N GLY F 91 -19.30 2.60 2.87
CA GLY F 91 -19.98 1.73 1.95
C GLY F 91 -21.36 1.42 2.51
N GLU F 92 -22.15 0.63 1.82
CA GLU F 92 -23.51 0.38 2.31
C GLU F 92 -23.47 -0.39 3.63
N THR F 93 -24.51 -0.27 4.47
CA THR F 93 -24.53 -0.90 5.82
C THR F 93 -24.27 -2.38 5.78
N ASN F 94 -24.93 -3.03 4.82
N ASN F 94 -24.94 -3.05 4.85
CA ASN F 94 -24.70 -4.42 4.53
CA ASN F 94 -24.68 -4.44 4.55
C ASN F 94 -23.50 -4.53 3.58
C ASN F 94 -23.49 -4.52 3.60
N PRO F 95 -22.37 -5.15 4.03
CA PRO F 95 -21.22 -5.33 3.11
C PRO F 95 -21.61 -5.93 1.76
N ALA F 96 -22.74 -6.64 1.67
CA ALA F 96 -23.20 -7.20 0.41
C ALA F 96 -23.44 -6.17 -0.69
N ASP F 97 -24.03 -5.03 -0.33
CA ASP F 97 -24.30 -4.01 -1.31
C ASP F 97 -23.07 -3.07 -1.46
N SER F 98 -22.04 -3.31 -0.66
CA SER F 98 -20.93 -2.35 -0.53
C SER F 98 -19.98 -2.52 -1.71
N LYS F 99 -19.56 -1.42 -2.32
CA LYS F 99 -18.78 -1.51 -3.53
C LYS F 99 -17.28 -1.68 -3.18
N PRO F 100 -16.55 -2.38 -4.04
CA PRO F 100 -15.09 -2.37 -3.91
C PRO F 100 -14.56 -0.96 -3.90
N GLY F 101 -13.60 -0.68 -3.00
CA GLY F 101 -13.10 0.69 -2.84
C GLY F 101 -13.57 1.27 -1.55
N THR F 102 -14.74 0.82 -1.10
CA THR F 102 -15.26 1.23 0.20
C THR F 102 -14.67 0.35 1.34
N ILE F 103 -14.79 0.83 2.56
CA ILE F 103 -14.26 0.12 3.73
C ILE F 103 -14.94 -1.20 3.88
N ARG F 104 -16.27 -1.21 3.91
CA ARG F 104 -17.01 -2.50 4.04
C ARG F 104 -16.91 -3.32 2.77
N GLY F 105 -16.88 -2.69 1.59
CA GLY F 105 -16.70 -3.38 0.34
C GLY F 105 -15.37 -4.14 0.30
N ASP F 106 -14.33 -3.51 0.84
CA ASP F 106 -13.00 -4.10 0.76
C ASP F 106 -12.83 -5.19 1.80
N PHE F 107 -13.42 -5.02 2.96
CA PHE F 107 -12.94 -5.75 4.16
C PHE F 107 -13.90 -6.63 4.87
N CYS F 108 -15.16 -6.64 4.51
CA CYS F 108 -16.08 -7.53 5.20
C CYS F 108 -17.27 -8.08 4.41
N ILE F 109 -17.96 -9.02 5.05
CA ILE F 109 -18.82 -9.95 4.37
C ILE F 109 -20.29 -9.91 4.86
N GLN F 110 -20.50 -9.86 6.18
CA GLN F 110 -21.84 -10.02 6.82
C GLN F 110 -22.23 -8.72 7.50
N VAL F 111 -23.52 -8.37 7.50
CA VAL F 111 -23.98 -7.13 8.16
C VAL F 111 -23.74 -7.09 9.68
N GLY F 112 -23.80 -8.25 10.33
CA GLY F 112 -23.54 -8.28 11.75
C GLY F 112 -22.09 -8.28 12.10
N ARG F 113 -21.21 -8.19 11.09
CA ARG F 113 -19.78 -8.03 11.29
C ARG F 113 -19.26 -7.09 10.20
N ASN F 114 -19.67 -5.85 10.30
CA ASN F 114 -19.53 -4.89 9.19
C ASN F 114 -18.56 -3.77 9.56
N ILE F 115 -17.67 -4.11 10.50
CA ILE F 115 -16.43 -3.44 10.90
C ILE F 115 -16.44 -1.98 11.37
N ILE F 116 -17.45 -1.18 11.01
CA ILE F 116 -17.39 0.27 11.26
C ILE F 116 -18.80 0.81 11.31
N HIS F 117 -18.97 1.83 12.15
CA HIS F 117 -20.16 2.66 12.22
C HIS F 117 -19.81 4.08 11.80
N GLY F 118 -20.72 4.71 11.08
CA GLY F 118 -20.63 6.15 10.84
C GLY F 118 -22.02 6.81 11.03
N SER F 119 -22.03 8.03 11.55
CA SER F 119 -23.30 8.72 11.79
C SER F 119 -24.13 8.78 10.52
N ASP F 120 -25.45 8.71 10.65
CA ASP F 120 -26.27 8.78 9.45
C ASP F 120 -26.89 10.13 9.13
N SER F 121 -26.68 11.10 10.00
CA SER F 121 -27.14 12.46 9.80
C SER F 121 -26.35 13.37 10.74
N VAL F 122 -26.48 14.67 10.51
CA VAL F 122 -25.83 15.65 11.37
C VAL F 122 -26.44 15.59 12.81
N LYS F 123 -27.74 15.45 12.88
CA LYS F 123 -28.38 15.31 14.13
C LYS F 123 -27.89 14.08 14.93
N SER F 124 -27.81 12.95 14.27
CA SER F 124 -27.31 11.70 14.87
C SER F 124 -25.87 11.91 15.29
N ALA F 125 -25.07 12.54 14.40
CA ALA F 125 -23.66 12.79 14.70
C ALA F 125 -23.51 13.58 15.99
N GLU F 126 -24.22 14.68 16.10
CA GLU F 126 -24.06 15.51 17.30
C GLU F 126 -24.51 14.77 18.61
N LYS F 127 -25.55 13.95 18.52
N LYS F 127 -25.55 13.94 18.55
CA LYS F 127 -25.98 13.09 19.63
CA LYS F 127 -25.92 13.12 19.72
C LYS F 127 -24.85 12.12 20.00
C LYS F 127 -24.85 12.08 20.03
N GLU F 128 -24.26 11.49 18.99
CA GLU F 128 -23.26 10.45 19.19
C GLU F 128 -21.95 11.08 19.73
N ILE F 129 -21.56 12.24 19.23
CA ILE F 129 -20.42 12.93 19.74
C ILE F 129 -20.64 13.22 21.24
N SER F 130 -21.84 13.70 21.59
CA SER F 130 -22.14 13.99 23.00
C SER F 130 -22.11 12.75 23.89
N LEU F 131 -22.53 11.63 23.33
CA LEU F 131 -22.64 10.37 24.06
C LEU F 131 -21.24 9.84 24.34
N TRP F 132 -20.36 9.91 23.36
CA TRP F 132 -19.06 9.22 23.44
C TRP F 132 -17.88 10.07 23.92
N PHE F 133 -18.00 11.38 23.83
CA PHE F 133 -16.93 12.27 24.14
C PHE F 133 -17.39 13.35 25.09
N LYS F 134 -16.52 13.65 26.04
CA LYS F 134 -16.64 14.85 26.84
C LYS F 134 -16.20 15.96 25.89
N PRO F 135 -16.77 17.15 26.05
CA PRO F 135 -16.41 18.26 25.17
C PRO F 135 -14.93 18.57 25.05
N GLU F 136 -14.19 18.42 26.15
CA GLU F 136 -12.77 18.74 26.19
C GLU F 136 -11.91 17.70 25.46
N GLU F 137 -12.52 16.60 25.07
CA GLU F 137 -11.82 15.58 24.27
C GLU F 137 -11.86 15.91 22.78
N LEU F 138 -12.61 16.96 22.41
CA LEU F 138 -12.66 17.42 21.03
C LEU F 138 -11.57 18.44 20.85
N VAL F 139 -10.54 18.11 20.06
CA VAL F 139 -9.38 18.97 19.94
C VAL F 139 -9.50 19.94 18.75
N ASP F 140 -9.36 21.23 19.03
CA ASP F 140 -9.33 22.27 18.02
C ASP F 140 -7.92 22.59 17.55
N TYR F 141 -7.63 22.28 16.28
CA TYR F 141 -6.39 22.66 15.66
C TYR F 141 -6.65 22.84 14.16
N LYS F 142 -5.71 23.48 13.49
CA LYS F 142 -5.82 23.72 12.04
C LYS F 142 -4.87 22.82 11.29
N SER F 143 -5.37 22.09 10.30
CA SER F 143 -4.51 21.26 9.47
C SER F 143 -3.59 22.13 8.62
N CYS F 144 -2.34 21.69 8.50
CA CYS F 144 -1.38 22.45 7.73
C CYS F 144 -1.70 22.48 6.24
N ALA F 145 -2.48 21.51 5.74
CA ALA F 145 -2.86 21.49 4.34
C ALA F 145 -4.27 22.03 4.10
N HIS F 146 -4.87 22.67 5.10
CA HIS F 146 -6.25 23.21 4.98
C HIS F 146 -6.49 24.04 3.73
N ASP F 147 -5.60 24.98 3.44
CA ASP F 147 -5.82 25.85 2.27
C ASP F 147 -5.61 25.21 0.88
N TRP F 148 -5.12 23.96 0.88
CA TRP F 148 -5.01 23.13 -0.29
C TRP F 148 -6.17 22.12 -0.40
N VAL F 149 -6.89 21.91 0.70
CA VAL F 149 -8.10 21.07 0.69
C VAL F 149 -9.35 21.88 0.40
N TYR F 150 -9.33 23.16 0.79
CA TYR F 150 -10.50 24.05 0.71
C TYR F 150 -10.14 25.40 0.09
N GLU F 151 -11.03 25.90 -0.73
CA GLU F 151 -10.84 27.25 -1.23
C GLU F 151 -11.34 28.28 -0.21
#